data_3WQ5
#
_entry.id   3WQ5
#
_cell.length_a   59.965
_cell.length_b   88.190
_cell.length_c   195.612
_cell.angle_alpha   90.00
_cell.angle_beta   90.00
_cell.angle_gamma   90.00
#
_symmetry.space_group_name_H-M   'P 21 21 21'
#
loop_
_entity.id
_entity.type
_entity.pdbx_description
1 polymer Beta-primeverosidase
2 branched beta-D-mannopyranose-(1-4)-2-acetamido-2-deoxy-beta-D-glucopyranose-(1-4)-2-acetamido-2-deoxy-beta-D-glucopyranose
3 branched 2-acetamido-2-deoxy-beta-D-glucopyranose-(1-4)-2-acetamido-2-deoxy-beta-D-glucopyranose
4 non-polymer 2-phenyl-N-(6-O-beta-D-xylopyranosyl-beta-D-glucopyranosyl)ethylamidine
5 non-polymer 2-acetamido-2-deoxy-beta-D-glucopyranose
6 water water
#
_entity_poly.entity_id   1
_entity_poly.type   'polypeptide(L)'
_entity_poly.pdbx_seq_one_letter_code
;MMAAKGSVVVGVLAIVAYALVVSEVAIAAQISSFNRTSFPDGFVFGAASSAYQFEGAAKEGGKGPNIWDTFTHEFPGKIS
NGSTGDVADDFYHRYKEDVKVLKFIGLDGFRMSISWARVLPRGKLSGGVNKEGIAFYNNVINDLLSKGIQPFITIFHWDL
PQALEDEYGGFLSPHIVNDFRDFAELCFKEFGDRVKHWITMNEPWSYSYGGYDAGLLAPGRCSAFMAFCPKGNSGTEPYI
VTHNLLLSHAAAVKLYKEKYQAYQKGQIGITLVTYWMIPYSNSKADKDAAQRALDFMYGWFIEPLSFGEYPKSMRRLVGK
RLPRFTKEQAMLVKGSFDFLGLNYYIANYVLNVPTSNSVNLSYTTDSLSNQTAFRNGVAIGRPTGVPAFFMYPKGLKDLL
VYTKEKYNDPVIYITENGMGDNNNVTTEEGIKDPQRVYFYNQHLLSLKNAIAAGVKVKGYFTWAFLDNFEWLSGYTQRFG
IVYVDFKDGLKRYPKHSALWFKKFLLK
;
_entity_poly.pdbx_strand_id   A,B
#
# COMPACT_ATOMS: atom_id res chain seq x y z
N SER A 33 7.18 13.75 -22.46
CA SER A 33 8.40 13.63 -21.67
C SER A 33 8.10 13.25 -20.23
N PHE A 34 9.03 12.56 -19.58
CA PHE A 34 8.87 12.06 -18.21
C PHE A 34 8.30 13.13 -17.27
N ASN A 35 7.12 12.86 -16.72
CA ASN A 35 6.40 13.85 -15.93
C ASN A 35 5.69 13.24 -14.72
N ARG A 36 5.02 14.07 -13.93
CA ARG A 36 4.46 13.64 -12.66
C ARG A 36 3.26 12.71 -12.79
N THR A 37 2.67 12.60 -13.98
CA THR A 37 1.55 11.69 -14.16
C THR A 37 2.01 10.22 -14.05
N SER A 38 3.31 10.01 -14.12
CA SER A 38 3.87 8.66 -13.91
C SER A 38 3.81 8.24 -12.44
N PHE A 39 3.45 9.18 -11.57
CA PHE A 39 3.41 8.91 -10.14
C PHE A 39 1.96 8.93 -9.64
N PRO A 40 1.71 8.37 -8.45
CA PRO A 40 0.33 8.35 -7.92
C PRO A 40 -0.30 9.73 -7.86
N ASP A 41 -1.61 9.82 -8.08
CA ASP A 41 -2.32 11.07 -7.92
C ASP A 41 -2.13 11.60 -6.50
N GLY A 42 -1.86 12.89 -6.38
CA GLY A 42 -1.72 13.51 -5.07
C GLY A 42 -0.38 13.25 -4.41
N PHE A 43 0.54 12.64 -5.15
CA PHE A 43 1.91 12.47 -4.70
C PHE A 43 2.50 13.85 -4.42
N VAL A 44 3.23 13.99 -3.31
CA VAL A 44 3.78 15.29 -2.95
C VAL A 44 5.21 15.44 -3.43
N PHE A 45 5.42 16.34 -4.38
CA PHE A 45 6.77 16.71 -4.81
C PHE A 45 7.17 18.04 -4.17
N GLY A 46 8.32 18.05 -3.51
CA GLY A 46 8.76 19.25 -2.85
C GLY A 46 10.27 19.45 -2.85
N ALA A 47 10.70 20.52 -2.20
CA ALA A 47 12.12 20.76 -1.95
C ALA A 47 12.33 20.91 -0.45
N ALA A 48 13.57 20.73 -0.02
CA ALA A 48 13.86 20.70 1.42
C ALA A 48 14.86 21.77 1.85
N SER A 49 14.83 22.08 3.14
CA SER A 49 15.71 23.07 3.75
C SER A 49 15.84 22.76 5.23
N SER A 50 16.76 23.43 5.92
CA SER A 50 16.82 23.38 7.38
C SER A 50 17.19 24.76 7.92
N ALA A 51 16.82 25.02 9.17
CA ALA A 51 16.93 26.37 9.73
C ALA A 51 18.34 26.91 9.79
N TYR A 52 19.27 26.17 10.38
CA TYR A 52 20.61 26.71 10.53
C TYR A 52 21.29 26.85 9.17
N GLN A 53 20.93 25.99 8.23
CA GLN A 53 21.59 26.00 6.94
C GLN A 53 21.09 27.12 6.01
N PHE A 54 19.90 27.64 6.29
CA PHE A 54 19.24 28.60 5.41
C PHE A 54 19.00 29.99 6.00
N GLU A 55 18.63 30.03 7.27
CA GLU A 55 18.00 31.23 7.83
C GLU A 55 18.90 32.46 7.96
N GLY A 56 20.10 32.30 8.52
CA GLY A 56 20.86 33.44 8.96
C GLY A 56 20.17 34.09 10.14
N ALA A 57 20.31 35.40 10.28
CA ALA A 57 19.73 36.13 11.41
C ALA A 57 19.99 35.39 12.70
N ALA A 58 21.23 34.94 12.86
CA ALA A 58 21.60 34.03 13.93
C ALA A 58 21.61 34.72 15.28
N LYS A 59 21.86 36.02 15.27
CA LYS A 59 21.88 36.83 16.48
C LYS A 59 20.85 37.96 16.43
N GLU A 60 19.73 37.71 15.75
CA GLU A 60 18.69 38.72 15.60
C GLU A 60 17.34 38.22 16.07
N GLY A 61 16.38 39.15 16.11
CA GLY A 61 14.99 38.82 16.33
C GLY A 61 14.71 38.07 17.60
N GLY A 62 15.53 38.30 18.62
CA GLY A 62 15.35 37.70 19.94
C GLY A 62 15.89 36.29 20.05
N LYS A 63 16.47 35.77 18.97
CA LYS A 63 17.00 34.41 18.97
C LYS A 63 18.17 34.21 19.93
N GLY A 64 18.19 33.07 20.61
CA GLY A 64 19.30 32.69 21.47
C GLY A 64 20.29 31.82 20.74
N PRO A 65 21.45 31.57 21.36
CA PRO A 65 22.50 30.78 20.72
C PRO A 65 22.18 29.30 20.65
N ASN A 66 22.58 28.64 19.57
CA ASN A 66 22.50 27.19 19.50
C ASN A 66 23.89 26.59 19.34
N ILE A 67 23.98 25.26 19.40
CA ILE A 67 25.28 24.62 19.41
C ILE A 67 26.03 24.78 18.10
N TRP A 68 25.32 25.12 17.04
CA TRP A 68 25.97 25.33 15.75
C TRP A 68 26.56 26.74 15.63
N ASP A 69 25.91 27.73 16.26
CA ASP A 69 26.52 29.04 16.44
C ASP A 69 27.85 28.86 17.16
N THR A 70 27.81 28.10 18.24
CA THR A 70 28.97 27.87 19.08
C THR A 70 30.08 27.09 18.34
N PHE A 71 29.69 26.00 17.69
CA PHE A 71 30.63 25.13 17.00
C PHE A 71 31.38 25.83 15.87
N THR A 72 30.64 26.52 15.00
CA THR A 72 31.27 27.17 13.85
C THR A 72 32.20 28.31 14.28
N HIS A 73 31.86 28.99 15.37
CA HIS A 73 32.69 30.10 15.83
C HIS A 73 33.91 29.62 16.60
N GLU A 74 33.76 28.57 17.41
CA GLU A 74 34.86 28.11 18.24
C GLU A 74 35.76 27.07 17.57
N PHE A 75 35.26 26.44 16.50
CA PHE A 75 36.09 25.50 15.75
C PHE A 75 36.07 25.77 14.25
N PRO A 76 36.63 26.92 13.82
CA PRO A 76 36.66 27.27 12.41
C PRO A 76 37.48 26.28 11.57
N GLY A 77 38.37 25.53 12.23
CA GLY A 77 39.15 24.52 11.52
C GLY A 77 38.32 23.32 11.10
N LYS A 78 37.13 23.19 11.68
CA LYS A 78 36.25 22.06 11.38
C LYS A 78 35.21 22.43 10.32
N ILE A 79 35.24 23.67 9.86
CA ILE A 79 34.38 24.10 8.76
C ILE A 79 35.24 24.53 7.58
N SER A 80 34.95 24.01 6.39
CA SER A 80 35.65 24.42 5.18
C SER A 80 35.64 25.95 5.09
N ASN A 81 36.84 26.53 5.01
CA ASN A 81 37.05 27.98 4.89
C ASN A 81 36.65 28.79 6.11
N GLY A 82 36.42 28.12 7.23
CA GLY A 82 36.05 28.82 8.44
C GLY A 82 34.77 29.62 8.29
N SER A 83 33.81 29.05 7.56
CA SER A 83 32.50 29.66 7.37
C SER A 83 31.56 29.41 8.54
N THR A 84 30.48 30.19 8.60
CA THR A 84 29.42 29.99 9.60
C THR A 84 28.05 30.10 8.96
N GLY A 85 27.02 29.86 9.76
CA GLY A 85 25.65 30.06 9.32
C GLY A 85 25.07 31.37 9.83
N ASP A 86 25.94 32.30 10.22
CA ASP A 86 25.52 33.62 10.70
C ASP A 86 24.53 34.28 9.75
N VAL A 87 24.81 34.19 8.46
CA VAL A 87 23.97 34.80 7.44
C VAL A 87 23.31 33.74 6.55
N ALA A 88 24.08 32.72 6.19
CA ALA A 88 23.59 31.64 5.33
C ALA A 88 22.91 32.22 4.08
N ASP A 89 21.69 31.79 3.80
CA ASP A 89 20.93 32.31 2.66
C ASP A 89 20.11 33.54 3.02
N ASP A 90 20.18 33.94 4.29
CA ASP A 90 19.32 35.00 4.81
C ASP A 90 17.85 34.73 4.49
N PHE A 91 17.45 33.47 4.58
CA PHE A 91 16.08 33.06 4.33
C PHE A 91 15.13 33.73 5.32
N TYR A 92 15.68 34.10 6.48
CA TYR A 92 14.89 34.77 7.51
C TYR A 92 14.28 36.09 7.01
N HIS A 93 15.04 36.84 6.21
CA HIS A 93 14.54 38.09 5.65
C HIS A 93 14.00 37.93 4.23
N ARG A 94 14.47 36.92 3.52
CA ARG A 94 14.18 36.79 2.09
C ARG A 94 13.06 35.81 1.78
N TYR A 95 12.40 35.30 2.82
CA TYR A 95 11.44 34.21 2.64
C TYR A 95 10.30 34.51 1.65
N LYS A 96 9.83 35.76 1.60
CA LYS A 96 8.72 36.08 0.71
C LYS A 96 9.10 35.88 -0.76
N GLU A 97 10.29 36.32 -1.14
CA GLU A 97 10.75 36.13 -2.51
C GLU A 97 11.09 34.67 -2.78
N ASP A 98 11.56 33.97 -1.75
CA ASP A 98 11.89 32.55 -1.90
C ASP A 98 10.64 31.71 -2.12
N VAL A 99 9.56 32.05 -1.44
CA VAL A 99 8.30 31.31 -1.60
C VAL A 99 7.78 31.51 -3.03
N LYS A 100 8.03 32.67 -3.61
CA LYS A 100 7.67 32.91 -5.01
C LYS A 100 8.43 31.95 -5.94
N VAL A 101 9.68 31.64 -5.58
CA VAL A 101 10.48 30.70 -6.36
C VAL A 101 9.91 29.29 -6.26
N LEU A 102 9.52 28.89 -5.05
CA LEU A 102 8.88 27.58 -4.86
C LEU A 102 7.61 27.45 -5.70
N LYS A 103 6.84 28.54 -5.78
CA LYS A 103 5.60 28.52 -6.56
C LYS A 103 5.91 28.46 -8.05
N PHE A 104 6.94 29.20 -8.46
CA PHE A 104 7.39 29.19 -9.85
C PHE A 104 7.76 27.78 -10.30
N ILE A 105 8.48 27.06 -9.46
CA ILE A 105 8.86 25.69 -9.77
C ILE A 105 7.63 24.78 -9.78
N GLY A 106 6.63 25.13 -8.98
CA GLY A 106 5.37 24.40 -9.00
C GLY A 106 5.31 23.28 -7.98
N LEU A 107 6.09 23.40 -6.91
CA LEU A 107 6.19 22.37 -5.89
C LEU A 107 4.89 22.20 -5.08
N ASP A 108 4.61 20.97 -4.69
CA ASP A 108 3.45 20.63 -3.85
C ASP A 108 3.74 20.94 -2.38
N GLY A 109 5.00 20.75 -1.99
CA GLY A 109 5.37 20.83 -0.60
C GLY A 109 6.72 21.48 -0.38
N PHE A 110 6.96 21.91 0.86
CA PHE A 110 8.25 22.47 1.23
C PHE A 110 8.62 21.95 2.60
N ARG A 111 9.79 21.33 2.69
CA ARG A 111 10.29 20.84 3.97
C ARG A 111 11.24 21.87 4.58
N MET A 112 10.99 22.22 5.83
CA MET A 112 11.79 23.22 6.52
C MET A 112 11.81 22.86 8.00
N SER A 113 12.74 23.43 8.75
CA SER A 113 12.84 23.10 10.17
C SER A 113 12.64 24.33 11.06
N ILE A 114 12.29 24.07 12.31
CA ILE A 114 12.10 25.12 13.30
C ILE A 114 13.37 25.32 14.11
N SER A 115 13.87 26.56 14.18
CA SER A 115 15.01 26.85 15.03
C SER A 115 14.58 26.91 16.49
N TRP A 116 14.92 25.87 17.23
CA TRP A 116 14.59 25.74 18.65
C TRP A 116 14.94 27.00 19.42
N ALA A 117 16.19 27.48 19.26
CA ALA A 117 16.63 28.64 20.02
C ALA A 117 16.04 29.95 19.49
N ARG A 118 15.40 29.92 18.33
CA ARG A 118 14.73 31.11 17.85
C ARG A 118 13.35 31.27 18.50
N VAL A 119 12.67 30.15 18.76
CA VAL A 119 11.36 30.23 19.40
C VAL A 119 11.46 30.07 20.93
N LEU A 120 12.44 29.32 21.41
CA LEU A 120 12.72 29.21 22.85
C LEU A 120 14.19 29.52 23.10
N PRO A 121 14.53 30.81 23.26
CA PRO A 121 15.93 31.25 23.36
C PRO A 121 16.69 30.64 24.52
N ARG A 122 15.99 30.25 25.57
CA ARG A 122 16.63 29.57 26.70
C ARG A 122 16.35 28.06 26.70
N GLY A 123 15.87 27.54 25.57
CA GLY A 123 15.68 26.11 25.41
C GLY A 123 14.46 25.55 26.12
N LYS A 124 14.35 25.83 27.42
CA LYS A 124 13.19 25.42 28.22
C LYS A 124 11.97 26.29 27.93
N LEU A 125 10.78 25.67 27.99
CA LEU A 125 9.53 26.42 27.86
C LEU A 125 9.43 27.50 28.93
N SER A 126 9.92 27.18 30.13
CA SER A 126 9.82 28.10 31.26
C SER A 126 10.74 29.30 31.07
N GLY A 127 11.66 29.19 30.11
CA GLY A 127 12.56 30.30 29.79
C GLY A 127 11.88 31.35 28.93
N GLY A 128 10.72 31.00 28.40
CA GLY A 128 9.92 31.95 27.65
C GLY A 128 9.90 31.75 26.15
N VAL A 129 8.76 32.06 25.54
CA VAL A 129 8.58 31.98 24.10
C VAL A 129 8.94 33.30 23.44
N ASN A 130 9.81 33.25 22.43
CA ASN A 130 10.17 34.44 21.67
C ASN A 130 9.12 34.77 20.62
N LYS A 131 8.29 35.78 20.87
CA LYS A 131 7.17 36.11 20.00
C LYS A 131 7.63 36.40 18.57
N GLU A 132 8.79 37.02 18.43
CA GLU A 132 9.31 37.37 17.11
C GLU A 132 9.68 36.12 16.30
N GLY A 133 10.16 35.09 16.99
CA GLY A 133 10.50 33.83 16.35
C GLY A 133 9.26 33.11 15.85
N ILE A 134 8.26 33.02 16.72
CA ILE A 134 6.98 32.43 16.35
C ILE A 134 6.38 33.12 15.13
N ALA A 135 6.45 34.44 15.12
CA ALA A 135 5.90 35.23 14.03
C ALA A 135 6.56 34.90 12.69
N PHE A 136 7.88 34.72 12.69
CA PHE A 136 8.58 34.37 11.46
C PHE A 136 8.05 33.07 10.85
N TYR A 137 7.94 32.03 11.68
CA TYR A 137 7.48 30.74 11.16
C TYR A 137 6.03 30.82 10.72
N ASN A 138 5.22 31.56 11.47
CA ASN A 138 3.85 31.79 11.05
C ASN A 138 3.80 32.49 9.69
N ASN A 139 4.65 33.50 9.51
CA ASN A 139 4.69 34.24 8.25
C ASN A 139 5.08 33.36 7.07
N VAL A 140 6.07 32.51 7.28
CA VAL A 140 6.52 31.60 6.23
C VAL A 140 5.42 30.61 5.90
N ILE A 141 4.82 30.01 6.93
CA ILE A 141 3.77 29.04 6.74
C ILE A 141 2.55 29.65 6.03
N ASN A 142 2.15 30.86 6.45
CA ASN A 142 1.01 31.53 5.82
C ASN A 142 1.28 31.84 4.34
N ASP A 143 2.51 32.21 4.03
CA ASP A 143 2.89 32.50 2.65
C ASP A 143 2.88 31.21 1.81
N LEU A 144 3.49 30.16 2.36
CA LEU A 144 3.51 28.87 1.68
C LEU A 144 2.09 28.40 1.32
N LEU A 145 1.18 28.48 2.29
CA LEU A 145 -0.18 27.99 2.06
C LEU A 145 -0.96 28.84 1.04
N SER A 146 -0.65 30.12 0.97
CA SER A 146 -1.30 30.99 -0.02
C SER A 146 -0.88 30.59 -1.44
N LYS A 147 0.25 29.92 -1.56
CA LYS A 147 0.73 29.46 -2.85
C LYS A 147 0.35 28.00 -3.11
N GLY A 148 -0.41 27.42 -2.19
CA GLY A 148 -0.83 26.03 -2.31
C GLY A 148 0.27 25.02 -2.00
N ILE A 149 1.25 25.45 -1.22
CA ILE A 149 2.39 24.59 -0.87
C ILE A 149 2.26 24.07 0.56
N GLN A 150 2.25 22.76 0.74
CA GLN A 150 2.14 22.17 2.07
C GLN A 150 3.45 22.21 2.83
N PRO A 151 3.44 22.81 4.02
CA PRO A 151 4.66 22.79 4.85
C PRO A 151 4.86 21.43 5.54
N PHE A 152 6.00 20.81 5.30
CA PHE A 152 6.43 19.62 6.05
C PHE A 152 7.47 20.09 7.05
N ILE A 153 7.13 20.08 8.35
CA ILE A 153 7.99 20.72 9.33
C ILE A 153 8.83 19.74 10.12
N THR A 154 10.15 19.92 10.04
CA THR A 154 11.10 19.22 10.90
C THR A 154 11.24 20.01 12.18
N ILE A 155 10.85 19.40 13.30
CA ILE A 155 10.96 20.09 14.58
C ILE A 155 12.43 20.29 14.99
N PHE A 156 13.22 19.23 14.87
CA PHE A 156 14.64 19.30 15.25
C PHE A 156 15.61 18.88 14.15
N HIS A 157 16.36 19.84 13.62
CA HIS A 157 17.37 19.55 12.60
C HIS A 157 18.74 20.02 13.09
N TRP A 158 19.07 19.55 14.29
CA TRP A 158 20.41 19.57 14.91
C TRP A 158 20.77 20.84 15.66
N ASP A 159 19.99 21.91 15.52
CA ASP A 159 20.38 23.19 16.12
C ASP A 159 19.86 23.35 17.55
N LEU A 160 20.36 22.50 18.44
CA LEU A 160 20.00 22.49 19.86
C LEU A 160 20.37 23.81 20.54
N PRO A 161 19.49 24.35 21.39
CA PRO A 161 19.84 25.57 22.13
C PRO A 161 21.06 25.36 23.02
N GLN A 162 21.97 26.32 23.03
CA GLN A 162 23.18 26.22 23.85
C GLN A 162 22.83 26.13 25.34
N ALA A 163 21.70 26.74 25.72
CA ALA A 163 21.26 26.71 27.11
C ALA A 163 21.09 25.27 27.61
N LEU A 164 20.55 24.41 26.75
CA LEU A 164 20.31 23.02 27.13
C LEU A 164 21.59 22.19 27.09
N GLU A 165 22.44 22.48 26.12
CA GLU A 165 23.75 21.83 26.07
C GLU A 165 24.54 22.23 27.32
N ASP A 166 24.43 23.49 27.72
CA ASP A 166 25.09 23.99 28.93
C ASP A 166 24.51 23.39 30.21
N GLU A 167 23.18 23.32 30.29
CA GLU A 167 22.54 22.91 31.53
C GLU A 167 22.87 21.47 31.91
N TYR A 168 22.74 20.54 30.95
CA TYR A 168 22.91 19.12 31.25
C TYR A 168 23.54 18.32 30.13
N GLY A 169 24.23 18.98 29.22
CA GLY A 169 24.92 18.28 28.16
C GLY A 169 24.00 17.79 27.05
N GLY A 170 22.86 18.46 26.87
CA GLY A 170 21.96 18.16 25.77
C GLY A 170 21.50 16.72 25.74
N PHE A 171 21.72 16.04 24.62
CA PHE A 171 21.22 14.68 24.45
C PHE A 171 22.04 13.61 25.17
N LEU A 172 23.05 14.05 25.94
CA LEU A 172 23.75 13.13 26.82
C LEU A 172 22.91 12.82 28.07
N SER A 173 21.88 13.64 28.30
CA SER A 173 21.09 13.56 29.53
C SER A 173 19.63 13.20 29.28
N PRO A 174 19.03 12.40 30.17
CA PRO A 174 17.61 12.07 30.04
C PRO A 174 16.73 13.30 30.23
N HIS A 175 17.28 14.38 30.79
CA HIS A 175 16.58 15.64 30.94
C HIS A 175 16.13 16.23 29.60
N ILE A 176 16.81 15.85 28.52
CA ILE A 176 16.49 16.41 27.21
C ILE A 176 15.07 16.04 26.79
N VAL A 177 14.58 14.90 27.24
CA VAL A 177 13.30 14.38 26.75
C VAL A 177 12.13 15.32 27.04
N ASN A 178 12.01 15.77 28.29
CA ASN A 178 10.93 16.68 28.66
C ASN A 178 11.03 18.04 27.97
N ASP A 179 12.24 18.54 27.79
CA ASP A 179 12.41 19.81 27.10
C ASP A 179 12.10 19.67 25.61
N PHE A 180 12.51 18.56 25.02
CA PHE A 180 12.16 18.27 23.61
C PHE A 180 10.65 18.18 23.46
N ARG A 181 10.01 17.51 24.42
CA ARG A 181 8.55 17.32 24.37
C ARG A 181 7.84 18.67 24.42
N ASP A 182 8.30 19.56 25.29
CA ASP A 182 7.70 20.90 25.39
C ASP A 182 7.92 21.73 24.13
N PHE A 183 9.07 21.55 23.51
CA PHE A 183 9.39 22.25 22.26
C PHE A 183 8.44 21.77 21.17
N ALA A 184 8.28 20.46 21.06
CA ALA A 184 7.35 19.87 20.11
C ALA A 184 5.93 20.40 20.35
N GLU A 185 5.53 20.44 21.62
CA GLU A 185 4.19 20.92 21.95
C GLU A 185 3.97 22.37 21.52
N LEU A 186 4.97 23.21 21.75
CA LEU A 186 4.89 24.61 21.33
C LEU A 186 4.63 24.69 19.84
N CYS A 187 5.34 23.86 19.08
CA CYS A 187 5.17 23.80 17.63
C CYS A 187 3.77 23.35 17.25
N PHE A 188 3.27 22.31 17.91
CA PHE A 188 1.92 21.81 17.64
C PHE A 188 0.87 22.89 17.94
N LYS A 189 1.02 23.55 19.08
CA LYS A 189 0.08 24.60 19.50
C LYS A 189 0.06 25.79 18.57
N GLU A 190 1.24 26.27 18.18
CA GLU A 190 1.34 27.49 17.41
C GLU A 190 1.12 27.28 15.92
N PHE A 191 1.51 26.12 15.40
CA PHE A 191 1.48 25.92 13.95
C PHE A 191 0.58 24.79 13.47
N GLY A 192 0.15 23.93 14.38
CA GLY A 192 -0.57 22.71 14.02
C GLY A 192 -1.93 22.89 13.37
N ASP A 193 -2.48 24.09 13.46
CA ASP A 193 -3.74 24.37 12.78
C ASP A 193 -3.51 24.43 11.28
N ARG A 194 -2.28 24.73 10.88
CA ARG A 194 -1.94 24.87 9.47
C ARG A 194 -0.96 23.78 8.99
N VAL A 195 -0.12 23.29 9.90
CA VAL A 195 0.85 22.26 9.55
C VAL A 195 0.28 20.87 9.80
N LYS A 196 0.26 20.02 8.77
CA LYS A 196 -0.33 18.70 8.91
C LYS A 196 0.67 17.55 8.69
N HIS A 197 1.94 17.89 8.52
CA HIS A 197 2.97 16.87 8.41
C HIS A 197 4.18 17.24 9.27
N TRP A 198 4.38 16.45 10.33
CA TRP A 198 5.40 16.72 11.32
C TRP A 198 6.52 15.68 11.26
N ILE A 199 7.76 16.15 11.33
CA ILE A 199 8.91 15.27 11.41
C ILE A 199 9.63 15.64 12.71
N THR A 200 9.68 14.71 13.66
CA THR A 200 10.24 15.02 14.98
C THR A 200 11.68 15.50 14.88
N MET A 201 12.48 14.77 14.12
CA MET A 201 13.90 15.09 14.03
C MET A 201 14.52 14.58 12.74
N ASN A 202 15.56 15.26 12.30
CA ASN A 202 16.30 14.88 11.11
C ASN A 202 17.54 14.07 11.47
N GLU A 203 17.60 12.85 10.96
CA GLU A 203 18.81 12.03 11.02
C GLU A 203 19.49 11.98 12.37
N PRO A 204 18.84 11.32 13.35
CA PRO A 204 19.54 11.14 14.63
C PRO A 204 20.86 10.37 14.47
N TRP A 205 21.01 9.58 13.41
CA TRP A 205 22.31 8.95 13.14
C TRP A 205 23.41 10.00 12.96
N SER A 206 23.14 11.01 12.15
CA SER A 206 24.13 12.04 11.89
C SER A 206 24.46 12.79 13.16
N TYR A 207 23.43 13.11 13.95
CA TYR A 207 23.65 13.85 15.19
C TYR A 207 24.55 13.08 16.14
N SER A 208 24.28 11.79 16.28
CA SER A 208 25.04 10.95 17.21
C SER A 208 26.44 10.65 16.69
N TYR A 209 26.53 10.13 15.47
CA TYR A 209 27.82 9.80 14.88
C TYR A 209 28.68 11.04 14.69
N GLY A 210 28.10 12.06 14.06
CA GLY A 210 28.85 13.26 13.77
C GLY A 210 29.24 14.05 15.01
N GLY A 211 28.32 14.11 15.98
CA GLY A 211 28.54 14.93 17.15
C GLY A 211 29.35 14.30 18.26
N TYR A 212 29.40 12.97 18.28
CA TYR A 212 29.91 12.24 19.45
C TYR A 212 30.88 11.10 19.14
N ASP A 213 30.93 10.65 17.89
CA ASP A 213 31.96 9.67 17.50
C ASP A 213 33.10 10.38 16.79
N ALA A 214 32.81 10.97 15.62
CA ALA A 214 33.85 11.59 14.81
C ALA A 214 34.14 13.04 15.21
N GLY A 215 33.22 13.65 15.96
CA GLY A 215 33.40 15.04 16.38
C GLY A 215 33.43 16.03 15.23
N LEU A 216 32.74 15.68 14.15
CA LEU A 216 32.71 16.50 12.93
C LEU A 216 31.56 17.50 12.93
N LEU A 217 30.54 17.23 13.75
CA LEU A 217 29.38 18.10 13.87
C LEU A 217 29.27 18.62 15.30
N ALA A 218 28.53 19.71 15.50
CA ALA A 218 28.23 20.21 16.83
C ALA A 218 27.56 19.09 17.62
N PRO A 219 27.86 18.96 18.92
CA PRO A 219 28.71 19.81 19.77
C PRO A 219 30.21 19.51 19.67
N GLY A 220 30.62 18.62 18.76
CA GLY A 220 32.03 18.38 18.51
C GLY A 220 32.75 17.60 19.61
N ARG A 221 32.21 16.44 19.96
CA ARG A 221 32.79 15.62 21.01
C ARG A 221 33.31 14.31 20.42
N CYS A 222 34.43 13.83 20.96
CA CYS A 222 35.03 12.56 20.53
C CYS A 222 36.14 12.17 21.50
N SER A 223 36.63 10.94 21.37
CA SER A 223 37.66 10.43 22.27
C SER A 223 38.96 11.20 22.16
N ALA A 224 39.66 11.33 23.29
CA ALA A 224 40.92 12.05 23.35
C ALA A 224 41.98 11.47 22.41
N PHE A 225 41.93 10.17 22.13
CA PHE A 225 42.97 9.57 21.29
C PHE A 225 42.92 10.10 19.86
N MET A 226 41.83 10.76 19.50
CA MET A 226 41.69 11.33 18.16
C MET A 226 42.39 12.69 18.04
N ALA A 227 42.71 13.29 19.18
CA ALA A 227 43.29 14.64 19.24
C ALA A 227 42.53 15.62 18.33
N PHE A 228 41.21 15.63 18.49
CA PHE A 228 40.31 16.34 17.56
C PHE A 228 39.22 17.10 18.32
N CYS A 229 38.92 16.65 19.55
CA CYS A 229 37.91 17.31 20.38
C CYS A 229 38.39 17.52 21.81
N PRO A 230 37.95 18.60 22.47
CA PRO A 230 38.29 18.84 23.88
C PRO A 230 37.78 17.76 24.82
N LYS A 231 36.56 17.27 24.58
CA LYS A 231 35.92 16.30 25.45
C LYS A 231 35.24 15.19 24.67
N GLY A 232 34.96 14.09 25.33
CA GLY A 232 34.11 13.06 24.75
C GLY A 232 34.60 11.64 24.92
N ASN A 233 33.81 10.72 24.38
CA ASN A 233 34.16 9.31 24.33
C ASN A 233 33.41 8.65 23.19
N SER A 234 34.11 8.42 22.09
CA SER A 234 33.49 7.91 20.87
C SER A 234 32.95 6.49 21.01
N GLY A 235 33.33 5.81 22.09
CA GLY A 235 32.91 4.43 22.32
C GLY A 235 31.69 4.30 23.23
N THR A 236 31.28 5.39 23.86
CA THR A 236 30.15 5.35 24.79
C THR A 236 29.08 6.38 24.47
N GLU A 237 29.50 7.62 24.23
CA GLU A 237 28.56 8.71 24.06
C GLU A 237 27.61 8.60 22.86
N PRO A 238 28.06 8.07 21.71
CA PRO A 238 27.07 7.95 20.63
C PRO A 238 25.88 7.06 21.02
N TYR A 239 26.14 6.02 21.80
CA TYR A 239 25.08 5.11 22.23
C TYR A 239 24.16 5.77 23.26
N ILE A 240 24.75 6.55 24.16
CA ILE A 240 23.98 7.33 25.12
C ILE A 240 23.06 8.33 24.42
N VAL A 241 23.62 9.04 23.44
CA VAL A 241 22.89 10.09 22.74
C VAL A 241 21.77 9.51 21.87
N THR A 242 22.03 8.42 21.18
CA THR A 242 21.02 7.80 20.34
C THR A 242 19.81 7.35 21.14
N HIS A 243 20.07 6.78 22.32
CA HIS A 243 18.98 6.36 23.20
C HIS A 243 18.07 7.54 23.56
N ASN A 244 18.68 8.67 23.93
CA ASN A 244 17.91 9.85 24.30
C ASN A 244 17.23 10.49 23.08
N LEU A 245 17.84 10.37 21.91
CA LEU A 245 17.21 10.86 20.69
C LEU A 245 15.92 10.09 20.42
N LEU A 246 15.98 8.77 20.52
CA LEU A 246 14.80 7.94 20.31
C LEU A 246 13.71 8.25 21.34
N LEU A 247 14.12 8.44 22.59
CA LEU A 247 13.16 8.71 23.66
C LEU A 247 12.51 10.08 23.50
N SER A 248 13.28 11.05 23.01
CA SER A 248 12.75 12.39 22.78
C SER A 248 11.75 12.35 21.63
N HIS A 249 12.15 11.68 20.55
CA HIS A 249 11.24 11.44 19.43
C HIS A 249 9.93 10.83 19.90
N ALA A 250 10.03 9.78 20.71
CA ALA A 250 8.87 9.02 21.16
C ALA A 250 7.94 9.87 22.02
N ALA A 251 8.54 10.73 22.85
CA ALA A 251 7.76 11.61 23.71
C ALA A 251 6.94 12.61 22.88
N ALA A 252 7.54 13.13 21.83
CA ALA A 252 6.87 14.08 20.96
C ALA A 252 5.70 13.42 20.22
N VAL A 253 5.93 12.20 19.74
CA VAL A 253 4.90 11.48 19.01
C VAL A 253 3.73 11.12 19.92
N LYS A 254 4.04 10.65 21.13
CA LYS A 254 2.98 10.30 22.07
C LYS A 254 2.11 11.51 22.36
N LEU A 255 2.74 12.67 22.58
CA LEU A 255 2.00 13.89 22.86
C LEU A 255 1.14 14.30 21.66
N TYR A 256 1.70 14.19 20.46
CA TYR A 256 0.93 14.56 19.27
C TYR A 256 -0.30 13.67 19.12
N LYS A 257 -0.09 12.36 19.20
CA LYS A 257 -1.16 11.40 19.04
C LYS A 257 -2.27 11.58 20.06
N GLU A 258 -1.89 11.80 21.31
CA GLU A 258 -2.87 11.80 22.39
C GLU A 258 -3.59 13.13 22.54
N LYS A 259 -2.95 14.21 22.11
CA LYS A 259 -3.45 15.54 22.44
C LYS A 259 -3.82 16.41 21.25
N TYR A 260 -3.16 16.21 20.11
CA TYR A 260 -3.35 17.12 18.98
C TYR A 260 -3.88 16.46 17.71
N GLN A 261 -3.55 15.19 17.50
CA GLN A 261 -3.82 14.55 16.21
C GLN A 261 -5.31 14.42 15.89
N ALA A 262 -6.12 14.14 16.91
CA ALA A 262 -7.56 13.96 16.68
C ALA A 262 -8.22 15.22 16.14
N TYR A 263 -7.79 16.40 16.59
CA TYR A 263 -8.46 17.61 16.11
C TYR A 263 -7.67 18.39 15.05
N GLN A 264 -6.34 18.31 15.07
CA GLN A 264 -5.56 18.97 14.01
C GLN A 264 -5.49 18.09 12.75
N LYS A 265 -5.68 16.80 12.94
CA LYS A 265 -5.77 15.83 11.83
C LYS A 265 -4.53 15.77 10.95
N GLY A 266 -3.36 15.88 11.56
CA GLY A 266 -2.12 15.72 10.81
C GLY A 266 -1.48 14.37 11.07
N GLN A 267 -0.24 14.22 10.58
CA GLN A 267 0.53 12.99 10.70
C GLN A 267 1.91 13.32 11.24
N ILE A 268 2.51 12.40 11.98
CA ILE A 268 3.83 12.66 12.55
C ILE A 268 4.78 11.49 12.30
N GLY A 269 6.03 11.83 12.00
CA GLY A 269 7.01 10.81 11.68
C GLY A 269 8.41 11.22 12.11
N ILE A 270 9.40 10.55 11.55
CA ILE A 270 10.79 10.81 11.85
C ILE A 270 11.62 10.56 10.60
N THR A 271 12.66 11.35 10.39
CA THR A 271 13.53 11.15 9.22
C THR A 271 14.83 10.43 9.58
N LEU A 272 15.06 9.32 8.90
CA LEU A 272 16.30 8.55 9.08
C LEU A 272 17.14 8.63 7.82
N VAL A 273 18.45 8.44 7.96
CA VAL A 273 19.33 8.35 6.80
C VAL A 273 20.12 7.06 6.90
N THR A 274 20.40 6.45 5.75
CA THR A 274 21.38 5.39 5.71
C THR A 274 21.99 5.33 4.31
N TYR A 275 23.25 4.93 4.25
CA TYR A 275 23.82 4.49 2.98
C TYR A 275 23.19 3.16 2.65
N TRP A 276 23.05 2.85 1.37
CA TRP A 276 22.73 1.48 1.02
C TRP A 276 24.04 0.68 0.97
N MET A 277 24.04 -0.49 1.61
CA MET A 277 25.27 -1.27 1.76
C MET A 277 25.34 -2.43 0.79
N ILE A 278 26.43 -2.49 0.02
CA ILE A 278 26.65 -3.57 -0.93
C ILE A 278 27.91 -4.33 -0.55
N PRO A 279 27.82 -5.66 -0.40
CA PRO A 279 29.05 -6.38 -0.05
C PRO A 279 30.13 -6.19 -1.10
N TYR A 280 31.36 -5.96 -0.67
CA TYR A 280 32.47 -5.73 -1.57
C TYR A 280 32.71 -6.94 -2.48
N SER A 281 32.61 -8.13 -1.90
CA SER A 281 32.76 -9.35 -2.68
C SER A 281 31.59 -10.30 -2.40
N ASN A 282 31.66 -11.50 -2.96
CA ASN A 282 30.61 -12.49 -2.74
C ASN A 282 30.79 -13.29 -1.45
N SER A 283 31.86 -13.01 -0.71
CA SER A 283 32.18 -13.81 0.48
C SER A 283 31.13 -13.67 1.58
N LYS A 284 31.03 -14.70 2.41
CA LYS A 284 30.18 -14.64 3.59
C LYS A 284 30.62 -13.48 4.47
N ALA A 285 31.94 -13.29 4.57
CA ALA A 285 32.52 -12.23 5.39
C ALA A 285 32.02 -10.85 5.00
N ASP A 286 32.07 -10.54 3.70
CA ASP A 286 31.66 -9.24 3.20
C ASP A 286 30.14 -9.10 3.19
N LYS A 287 29.44 -10.21 2.96
CA LYS A 287 27.98 -10.20 3.05
C LYS A 287 27.55 -9.79 4.46
N ASP A 288 28.11 -10.48 5.45
CA ASP A 288 27.76 -10.21 6.85
C ASP A 288 28.18 -8.80 7.26
N ALA A 289 29.35 -8.37 6.78
CA ALA A 289 29.86 -7.03 7.09
C ALA A 289 28.93 -5.95 6.55
N ALA A 290 28.38 -6.18 5.35
CA ALA A 290 27.45 -5.22 4.77
C ALA A 290 26.21 -5.08 5.63
N GLN A 291 25.68 -6.20 6.10
CA GLN A 291 24.50 -6.15 6.94
C GLN A 291 24.82 -5.54 8.30
N ARG A 292 26.03 -5.79 8.81
CA ARG A 292 26.43 -5.16 10.08
C ARG A 292 26.46 -3.63 9.93
N ALA A 293 27.02 -3.15 8.82
CA ALA A 293 27.05 -1.71 8.56
C ALA A 293 25.64 -1.13 8.51
N LEU A 294 24.73 -1.84 7.86
CA LEU A 294 23.33 -1.40 7.79
C LEU A 294 22.66 -1.47 9.16
N ASP A 295 22.96 -2.54 9.90
CA ASP A 295 22.46 -2.66 11.27
C ASP A 295 22.86 -1.45 12.12
N PHE A 296 24.13 -1.09 12.06
CA PHE A 296 24.68 -0.04 12.93
C PHE A 296 24.25 1.37 12.51
N MET A 297 23.96 1.56 11.22
CA MET A 297 23.61 2.89 10.74
C MET A 297 22.11 3.11 10.70
N TYR A 298 21.39 2.13 10.17
CA TYR A 298 19.95 2.20 9.95
C TYR A 298 19.20 1.49 11.06
N GLY A 299 19.52 0.22 11.28
CA GLY A 299 18.83 -0.62 12.26
C GLY A 299 18.88 -0.06 13.67
N TRP A 300 19.95 0.67 13.97
CA TRP A 300 20.14 1.37 15.25
C TRP A 300 18.89 2.14 15.65
N PHE A 301 18.18 2.66 14.64
CA PHE A 301 16.98 3.46 14.86
C PHE A 301 15.70 2.74 14.42
N ILE A 302 15.73 2.09 13.26
CA ILE A 302 14.48 1.53 12.74
C ILE A 302 14.07 0.22 13.45
N GLU A 303 15.01 -0.50 14.05
CA GLU A 303 14.58 -1.66 14.83
C GLU A 303 13.93 -1.26 16.17
N PRO A 304 14.49 -0.25 16.89
CA PRO A 304 13.70 0.23 18.03
C PRO A 304 12.33 0.77 17.62
N LEU A 305 12.28 1.54 16.53
CA LEU A 305 11.02 2.12 16.07
C LEU A 305 10.02 1.04 15.64
N SER A 306 10.52 -0.10 15.20
CA SER A 306 9.66 -1.15 14.68
C SER A 306 9.41 -2.27 15.70
N PHE A 307 10.44 -2.60 16.48
CA PHE A 307 10.38 -3.77 17.36
C PHE A 307 10.61 -3.46 18.83
N GLY A 308 11.06 -2.25 19.12
CA GLY A 308 11.32 -1.85 20.50
C GLY A 308 12.64 -2.38 21.06
N GLU A 309 13.56 -2.75 20.18
CA GLU A 309 14.87 -3.24 20.60
C GLU A 309 15.92 -2.90 19.55
N TYR A 310 17.19 -2.86 19.97
CA TYR A 310 18.29 -2.64 19.04
C TYR A 310 18.60 -3.91 18.26
N PRO A 311 19.31 -3.80 17.12
CA PRO A 311 19.69 -4.98 16.36
C PRO A 311 20.54 -5.97 17.17
N LYS A 312 20.37 -7.26 16.92
CA LYS A 312 21.17 -8.29 17.60
C LYS A 312 22.68 -8.07 17.44
N SER A 313 23.11 -7.69 16.24
CA SER A 313 24.53 -7.51 15.99
C SER A 313 25.11 -6.38 16.87
N MET A 314 24.31 -5.35 17.11
CA MET A 314 24.75 -4.26 18.00
C MET A 314 24.80 -4.74 19.45
N ARG A 315 23.79 -5.49 19.87
CA ARG A 315 23.78 -6.02 21.23
C ARG A 315 25.00 -6.91 21.46
N ARG A 316 25.35 -7.70 20.45
CA ARG A 316 26.48 -8.62 20.57
C ARG A 316 27.82 -7.89 20.61
N LEU A 317 28.02 -6.97 19.67
CA LEU A 317 29.33 -6.36 19.49
C LEU A 317 29.58 -5.17 20.42
N VAL A 318 28.52 -4.47 20.80
CA VAL A 318 28.67 -3.29 21.66
C VAL A 318 28.50 -3.68 23.12
N GLY A 319 27.77 -4.77 23.36
CA GLY A 319 27.63 -5.27 24.72
C GLY A 319 27.04 -4.25 25.67
N LYS A 320 27.66 -4.11 26.84
CA LYS A 320 27.08 -3.26 27.87
C LYS A 320 27.29 -1.75 27.65
N ARG A 321 27.96 -1.39 26.55
CA ARG A 321 28.03 0.01 26.16
C ARG A 321 26.74 0.43 25.45
N LEU A 322 25.90 -0.54 25.13
CA LEU A 322 24.61 -0.28 24.49
C LEU A 322 23.49 -0.27 25.53
N PRO A 323 22.81 0.87 25.69
CA PRO A 323 21.74 0.96 26.68
C PRO A 323 20.60 -0.01 26.39
N ARG A 324 19.93 -0.46 27.43
CA ARG A 324 18.73 -1.27 27.29
C ARG A 324 17.49 -0.38 27.35
N PHE A 325 16.47 -0.72 26.58
CA PHE A 325 15.19 -0.07 26.77
C PHE A 325 14.52 -0.70 27.97
N THR A 326 14.04 0.11 28.90
CA THR A 326 13.15 -0.41 29.93
C THR A 326 11.85 -0.84 29.24
N LYS A 327 11.00 -1.56 29.95
CA LYS A 327 9.74 -1.99 29.38
C LYS A 327 8.86 -0.78 29.02
N GLU A 328 8.89 0.26 29.85
CA GLU A 328 8.16 1.49 29.55
C GLU A 328 8.70 2.16 28.29
N GLN A 329 10.03 2.25 28.19
CA GLN A 329 10.67 2.90 27.06
C GLN A 329 10.42 2.16 25.74
N ALA A 330 10.51 0.84 25.77
CA ALA A 330 10.31 0.04 24.57
C ALA A 330 8.90 0.26 24.05
N MET A 331 7.95 0.34 24.98
CA MET A 331 6.55 0.55 24.64
C MET A 331 6.31 1.92 24.00
N LEU A 332 7.05 2.92 24.46
CA LEU A 332 6.93 4.27 23.93
C LEU A 332 7.54 4.40 22.54
N VAL A 333 8.68 3.74 22.35
CA VAL A 333 9.43 3.87 21.11
C VAL A 333 8.87 3.00 20.00
N LYS A 334 8.46 1.78 20.34
CA LYS A 334 7.92 0.87 19.33
C LYS A 334 6.64 1.42 18.71
N GLY A 335 6.62 1.49 17.38
CA GLY A 335 5.46 1.95 16.64
C GLY A 335 5.23 3.45 16.67
N SER A 336 6.23 4.22 17.10
CA SER A 336 6.05 5.66 17.26
C SER A 336 6.27 6.47 15.97
N PHE A 337 5.56 6.10 14.90
CA PHE A 337 5.56 6.90 13.69
C PHE A 337 4.37 6.58 12.79
N ASP A 338 3.80 7.63 12.19
CA ASP A 338 2.73 7.47 11.21
C ASP A 338 3.32 7.20 9.83
N PHE A 339 4.49 7.79 9.59
CA PHE A 339 5.23 7.61 8.36
C PHE A 339 6.71 7.63 8.69
N LEU A 340 7.50 7.06 7.80
CA LEU A 340 8.96 7.13 7.87
C LEU A 340 9.49 8.12 6.85
N GLY A 341 10.29 9.08 7.29
CA GLY A 341 11.04 9.92 6.38
C GLY A 341 12.36 9.24 6.10
N LEU A 342 12.70 9.07 4.82
CA LEU A 342 13.99 8.52 4.45
C LEU A 342 14.79 9.52 3.64
N ASN A 343 16.03 9.75 4.06
CA ASN A 343 16.99 10.52 3.28
C ASN A 343 17.92 9.57 2.54
N TYR A 344 17.96 9.69 1.21
CA TYR A 344 18.84 8.82 0.42
C TYR A 344 19.81 9.64 -0.41
N TYR A 345 21.09 9.28 -0.33
CA TYR A 345 22.11 9.94 -1.12
C TYR A 345 22.96 8.96 -1.91
N ILE A 346 23.55 7.98 -1.22
CA ILE A 346 24.55 7.11 -1.83
C ILE A 346 24.47 5.65 -1.41
N ALA A 347 25.15 4.81 -2.18
CA ALA A 347 25.48 3.46 -1.74
C ALA A 347 27.00 3.36 -1.60
N ASN A 348 27.45 2.44 -0.75
CA ASN A 348 28.86 2.11 -0.61
C ASN A 348 29.06 0.61 -0.65
N TYR A 349 30.23 0.18 -1.09
CA TYR A 349 30.65 -1.20 -0.91
C TYR A 349 31.13 -1.37 0.52
N VAL A 350 30.97 -2.58 1.06
CA VAL A 350 31.40 -2.82 2.44
C VAL A 350 32.33 -4.01 2.55
N LEU A 351 33.47 -3.78 3.19
CA LEU A 351 34.45 -4.81 3.45
C LEU A 351 34.39 -5.27 4.89
N ASN A 352 34.53 -6.57 5.10
CA ASN A 352 34.75 -7.10 6.44
C ASN A 352 36.04 -6.56 7.01
N VAL A 353 36.03 -6.22 8.29
CA VAL A 353 37.25 -5.85 9.00
C VAL A 353 37.48 -6.86 10.11
N PRO A 354 38.52 -7.70 9.97
CA PRO A 354 38.77 -8.71 11.02
C PRO A 354 39.02 -8.07 12.37
N THR A 355 38.70 -8.79 13.44
CA THR A 355 39.01 -8.31 14.78
C THR A 355 40.51 -8.08 14.89
N SER A 356 40.89 -7.22 15.83
CA SER A 356 42.27 -6.73 15.93
C SER A 356 42.70 -6.61 17.39
N ASN A 357 43.99 -6.69 17.64
CA ASN A 357 44.49 -6.50 19.02
C ASN A 357 44.75 -5.04 19.33
N SER A 358 44.64 -4.20 18.32
CA SER A 358 44.85 -2.77 18.48
C SER A 358 43.51 -2.07 18.37
N VAL A 359 42.96 -1.60 19.48
CA VAL A 359 41.64 -0.97 19.41
C VAL A 359 41.58 0.51 19.69
N ASN A 360 41.11 1.21 18.68
CA ASN A 360 40.47 2.49 18.91
C ASN A 360 39.00 2.22 19.18
N LEU A 361 38.61 2.38 20.44
CA LEU A 361 37.25 2.08 20.84
C LEU A 361 36.31 3.16 20.33
N SER A 362 35.39 2.77 19.45
CA SER A 362 34.47 3.74 18.86
C SER A 362 33.30 3.04 18.20
N TYR A 363 32.20 3.77 18.10
CA TYR A 363 31.04 3.34 17.31
C TYR A 363 31.48 2.94 15.91
N THR A 364 32.37 3.74 15.34
CA THR A 364 32.86 3.51 13.99
C THR A 364 33.51 2.14 13.83
N THR A 365 34.37 1.74 14.77
CA THR A 365 35.05 0.45 14.64
C THR A 365 34.27 -0.72 15.23
N ASP A 366 33.24 -0.44 16.01
CA ASP A 366 32.44 -1.50 16.65
C ASP A 366 31.80 -2.46 15.64
N SER A 367 31.47 -1.98 14.44
CA SER A 367 30.72 -2.78 13.49
C SER A 367 31.59 -3.73 12.67
N LEU A 368 32.91 -3.64 12.83
CA LEU A 368 33.85 -4.51 12.10
C LEU A 368 33.59 -4.44 10.60
N SER A 369 33.37 -3.23 10.11
CA SER A 369 33.08 -3.03 8.70
C SER A 369 33.73 -1.76 8.18
N ASN A 370 33.95 -1.74 6.88
CA ASN A 370 34.65 -0.64 6.24
C ASN A 370 33.96 -0.29 4.95
N GLN A 371 33.58 0.97 4.79
CA GLN A 371 32.87 1.35 3.58
C GLN A 371 33.81 1.98 2.57
N THR A 372 33.55 1.71 1.30
CA THR A 372 34.34 2.29 0.22
C THR A 372 33.48 2.44 -1.03
N ALA A 373 33.75 3.49 -1.80
CA ALA A 373 32.98 3.77 -2.99
C ALA A 373 33.58 3.09 -4.21
N PHE A 374 34.70 2.38 -4.00
CA PHE A 374 35.42 1.76 -5.10
C PHE A 374 35.52 0.26 -4.96
N ARG A 375 35.34 -0.45 -6.07
CA ARG A 375 35.59 -1.87 -6.13
C ARG A 375 36.48 -2.15 -7.33
N ASN A 376 37.61 -2.81 -7.08
CA ASN A 376 38.61 -3.08 -8.11
C ASN A 376 39.08 -1.81 -8.80
N GLY A 377 39.16 -0.72 -8.04
CA GLY A 377 39.57 0.57 -8.59
C GLY A 377 38.49 1.28 -9.40
N VAL A 378 37.28 0.72 -9.43
CA VAL A 378 36.19 1.32 -10.19
C VAL A 378 35.10 1.89 -9.29
N ALA A 379 34.79 3.17 -9.48
CA ALA A 379 33.78 3.86 -8.68
C ALA A 379 32.40 3.21 -8.83
N ILE A 380 31.61 3.30 -7.76
CA ILE A 380 30.31 2.64 -7.69
C ILE A 380 29.27 3.29 -8.62
N GLY A 381 29.58 4.50 -9.10
CA GLY A 381 28.69 5.19 -10.01
C GLY A 381 29.30 6.49 -10.50
N ARG A 382 28.51 7.30 -11.18
CA ARG A 382 28.98 8.59 -11.67
C ARG A 382 29.39 9.50 -10.53
N PRO A 383 30.43 10.33 -10.75
CA PRO A 383 30.92 11.23 -9.71
C PRO A 383 30.04 12.47 -9.52
N THR A 384 30.19 13.09 -8.35
CA THR A 384 29.54 14.37 -8.06
C THR A 384 30.61 15.32 -7.54
N GLY A 385 30.19 16.51 -7.13
CA GLY A 385 31.11 17.49 -6.58
C GLY A 385 31.50 17.19 -5.16
N VAL A 386 30.91 16.12 -4.61
CA VAL A 386 31.27 15.63 -3.29
C VAL A 386 32.10 14.36 -3.43
N PRO A 387 33.36 14.39 -2.99
CA PRO A 387 34.30 13.27 -3.18
C PRO A 387 33.78 11.89 -2.77
N ALA A 388 33.03 11.81 -1.68
CA ALA A 388 32.55 10.51 -1.17
C ALA A 388 31.28 10.03 -1.87
N PHE A 389 30.60 10.95 -2.56
CA PHE A 389 29.26 10.70 -3.08
C PHE A 389 29.24 10.39 -4.57
N PHE A 390 28.86 9.17 -4.91
CA PHE A 390 28.66 8.78 -6.30
C PHE A 390 27.20 8.43 -6.55
N MET A 391 26.79 8.44 -7.82
CA MET A 391 25.39 8.19 -8.13
C MET A 391 25.08 6.71 -8.19
N TYR A 392 24.14 6.27 -7.36
CA TYR A 392 23.67 4.89 -7.38
C TYR A 392 22.16 4.83 -7.17
N PRO A 393 21.39 5.25 -8.19
CA PRO A 393 19.93 5.35 -8.05
C PRO A 393 19.25 4.02 -7.76
N LYS A 394 19.85 2.90 -8.16
CA LYS A 394 19.28 1.60 -7.84
C LYS A 394 19.15 1.42 -6.33
N GLY A 395 20.08 2.02 -5.59
CA GLY A 395 20.09 1.94 -4.15
C GLY A 395 18.86 2.51 -3.47
N LEU A 396 18.25 3.50 -4.11
CA LEU A 396 17.00 4.07 -3.58
C LEU A 396 15.91 3.00 -3.58
N LYS A 397 15.74 2.32 -4.71
CA LYS A 397 14.77 1.22 -4.78
C LYS A 397 15.10 0.11 -3.79
N ASP A 398 16.36 -0.32 -3.79
CA ASP A 398 16.79 -1.41 -2.92
C ASP A 398 16.49 -1.12 -1.44
N LEU A 399 16.79 0.11 -1.02
CA LEU A 399 16.53 0.55 0.35
C LEU A 399 15.03 0.53 0.67
N LEU A 400 14.24 1.02 -0.28
CA LEU A 400 12.80 1.10 -0.09
C LEU A 400 12.15 -0.27 -0.01
N VAL A 401 12.58 -1.19 -0.88
CA VAL A 401 12.06 -2.54 -0.87
C VAL A 401 12.46 -3.26 0.42
N TYR A 402 13.72 -3.08 0.82
CA TYR A 402 14.22 -3.64 2.08
C TYR A 402 13.37 -3.18 3.25
N THR A 403 13.05 -1.89 3.26
CA THR A 403 12.28 -1.28 4.32
C THR A 403 10.85 -1.81 4.31
N LYS A 404 10.25 -1.90 3.13
CA LYS A 404 8.92 -2.47 3.00
C LYS A 404 8.85 -3.90 3.53
N GLU A 405 9.86 -4.70 3.19
CA GLU A 405 9.84 -6.11 3.53
C GLU A 405 10.18 -6.39 4.99
N LYS A 406 11.07 -5.59 5.58
CA LYS A 406 11.51 -5.84 6.95
C LYS A 406 10.62 -5.19 8.02
N TYR A 407 9.98 -4.07 7.66
CA TYR A 407 9.31 -3.26 8.68
C TYR A 407 7.83 -3.01 8.38
N ASN A 408 7.16 -4.07 7.91
CA ASN A 408 5.72 -4.10 7.73
C ASN A 408 5.15 -2.99 6.84
N ASP A 409 5.76 -2.80 5.68
CA ASP A 409 5.16 -1.97 4.63
C ASP A 409 4.73 -0.58 5.12
N PRO A 410 5.67 0.21 5.67
CA PRO A 410 5.31 1.52 6.23
C PRO A 410 5.05 2.57 5.17
N VAL A 411 4.29 3.61 5.52
CA VAL A 411 4.17 4.77 4.67
C VAL A 411 5.50 5.53 4.70
N ILE A 412 5.98 5.95 3.53
CA ILE A 412 7.31 6.55 3.41
C ILE A 412 7.28 7.86 2.64
N TYR A 413 8.02 8.85 3.13
CA TYR A 413 8.35 10.02 2.33
C TYR A 413 9.84 10.05 2.11
N ILE A 414 10.28 10.35 0.90
CA ILE A 414 11.70 10.60 0.69
C ILE A 414 11.94 12.04 1.07
N THR A 415 12.47 12.27 2.27
CA THR A 415 12.52 13.62 2.80
C THR A 415 13.77 14.38 2.34
N GLU A 416 14.72 13.66 1.74
CA GLU A 416 15.87 14.25 1.07
C GLU A 416 16.46 13.33 0.00
N ASN A 417 16.73 13.90 -1.17
CA ASN A 417 17.49 13.20 -2.20
C ASN A 417 18.13 14.27 -3.07
N GLY A 418 19.43 14.19 -3.28
CA GLY A 418 20.12 15.21 -4.05
C GLY A 418 21.61 14.98 -4.20
N MET A 419 22.27 15.92 -4.87
CA MET A 419 23.70 15.84 -5.10
C MET A 419 24.32 17.23 -5.01
N GLY A 420 25.63 17.26 -4.76
CA GLY A 420 26.34 18.51 -4.65
C GLY A 420 27.32 18.77 -5.78
N ASP A 421 27.41 20.03 -6.18
CA ASP A 421 28.48 20.51 -7.06
C ASP A 421 29.55 21.18 -6.23
N ASN A 422 30.80 21.02 -6.63
CA ASN A 422 31.88 21.78 -6.03
C ASN A 422 31.69 23.26 -6.36
N ASN A 423 31.88 24.13 -5.37
CA ASN A 423 31.71 25.56 -5.57
C ASN A 423 32.98 26.17 -6.15
N ASN A 424 33.24 25.86 -7.41
CA ASN A 424 34.49 26.28 -8.06
C ASN A 424 34.31 26.84 -9.46
N VAL A 425 33.09 27.26 -9.79
CA VAL A 425 32.82 27.88 -11.09
C VAL A 425 32.03 29.17 -10.92
N THR A 426 31.89 29.92 -12.01
CA THR A 426 31.09 31.14 -12.00
C THR A 426 29.61 30.83 -11.84
N THR A 427 28.85 31.83 -11.40
CA THR A 427 27.39 31.73 -11.30
C THR A 427 26.79 31.18 -12.59
N GLU A 428 27.28 31.71 -13.71
CA GLU A 428 26.89 31.30 -15.05
C GLU A 428 26.99 29.78 -15.24
N GLU A 429 28.15 29.23 -14.91
CA GLU A 429 28.40 27.81 -15.11
C GLU A 429 27.67 26.95 -14.09
N GLY A 430 27.58 27.43 -12.85
CA GLY A 430 26.89 26.71 -11.79
C GLY A 430 25.42 26.47 -12.09
N ILE A 431 24.80 27.44 -12.74
CA ILE A 431 23.38 27.38 -13.11
C ILE A 431 23.10 26.23 -14.07
N LYS A 432 24.05 25.95 -14.97
CA LYS A 432 23.91 24.84 -15.91
C LYS A 432 24.30 23.52 -15.25
N ASP A 433 23.31 22.78 -14.76
CA ASP A 433 23.60 21.53 -14.06
C ASP A 433 22.94 20.28 -14.67
N PRO A 434 23.33 19.95 -15.92
CA PRO A 434 22.77 18.75 -16.55
C PRO A 434 23.05 17.48 -15.75
N GLN A 435 24.13 17.49 -14.96
CA GLN A 435 24.46 16.35 -14.12
C GLN A 435 23.38 16.15 -13.04
N ARG A 436 22.79 17.25 -12.57
CA ARG A 436 21.75 17.16 -11.55
C ARG A 436 20.42 16.79 -12.18
N VAL A 437 20.18 17.27 -13.40
CA VAL A 437 19.02 16.85 -14.18
C VAL A 437 19.05 15.34 -14.34
N TYR A 438 20.23 14.84 -14.70
CA TYR A 438 20.43 13.41 -14.86
C TYR A 438 20.18 12.68 -13.54
N PHE A 439 20.73 13.22 -12.46
CA PHE A 439 20.56 12.67 -11.13
C PHE A 439 19.08 12.49 -10.80
N TYR A 440 18.30 13.54 -10.97
CA TYR A 440 16.89 13.47 -10.59
C TYR A 440 16.07 12.62 -11.56
N ASN A 441 16.43 12.65 -12.83
CA ASN A 441 15.77 11.78 -13.79
C ASN A 441 15.95 10.32 -13.37
N GLN A 442 17.18 9.92 -13.08
CA GLN A 442 17.49 8.54 -12.73
C GLN A 442 16.90 8.11 -11.38
N HIS A 443 16.95 9.01 -10.41
CA HIS A 443 16.44 8.64 -9.09
C HIS A 443 14.91 8.61 -9.04
N LEU A 444 14.26 9.45 -9.84
CA LEU A 444 12.80 9.41 -9.90
C LEU A 444 12.31 8.20 -10.67
N LEU A 445 13.06 7.76 -11.68
CA LEU A 445 12.75 6.51 -12.37
C LEU A 445 12.87 5.34 -11.41
N SER A 446 13.92 5.37 -10.59
CA SER A 446 14.13 4.34 -9.59
C SER A 446 13.03 4.36 -8.55
N LEU A 447 12.62 5.56 -8.15
CA LEU A 447 11.50 5.72 -7.21
C LEU A 447 10.21 5.16 -7.81
N LYS A 448 10.01 5.40 -9.10
CA LYS A 448 8.85 4.88 -9.81
C LYS A 448 8.81 3.35 -9.73
N ASN A 449 9.97 2.73 -9.91
CA ASN A 449 10.08 1.27 -9.81
C ASN A 449 9.78 0.77 -8.40
N ALA A 450 10.19 1.52 -7.40
CA ALA A 450 9.93 1.14 -6.02
C ALA A 450 8.43 1.15 -5.74
N ILE A 451 7.75 2.16 -6.28
CA ILE A 451 6.31 2.29 -6.11
C ILE A 451 5.58 1.16 -6.82
N ALA A 452 6.08 0.78 -7.99
CA ALA A 452 5.51 -0.33 -8.74
C ALA A 452 5.69 -1.65 -7.99
N ALA A 453 6.73 -1.71 -7.16
CA ALA A 453 7.02 -2.90 -6.37
C ALA A 453 6.22 -2.90 -5.07
N GLY A 454 5.36 -1.91 -4.90
CA GLY A 454 4.42 -1.90 -3.79
C GLY A 454 4.86 -1.10 -2.57
N VAL A 455 5.98 -0.40 -2.67
CA VAL A 455 6.41 0.46 -1.58
C VAL A 455 5.48 1.67 -1.48
N LYS A 456 5.03 1.97 -0.27
CA LYS A 456 4.03 3.01 -0.07
C LYS A 456 4.66 4.38 0.09
N VAL A 457 5.35 4.84 -0.95
CA VAL A 457 5.93 6.18 -0.97
C VAL A 457 4.87 7.22 -1.33
N LYS A 458 4.75 8.27 -0.50
CA LYS A 458 3.72 9.28 -0.70
C LYS A 458 4.28 10.64 -1.09
N GLY A 459 5.59 10.78 -1.05
CA GLY A 459 6.19 12.08 -1.33
C GLY A 459 7.68 12.02 -1.54
N TYR A 460 8.22 13.10 -2.09
CA TYR A 460 9.63 13.14 -2.46
C TYR A 460 10.11 14.58 -2.44
N PHE A 461 11.21 14.82 -1.72
CA PHE A 461 11.72 16.17 -1.52
C PHE A 461 13.17 16.28 -1.97
N THR A 462 13.45 17.24 -2.85
CA THR A 462 14.81 17.48 -3.30
C THR A 462 15.64 18.20 -2.25
N TRP A 463 16.78 17.62 -1.89
CA TRP A 463 17.78 18.41 -1.18
C TRP A 463 18.78 18.94 -2.20
N ALA A 464 18.87 20.27 -2.37
CA ALA A 464 18.17 21.25 -1.55
C ALA A 464 17.42 22.27 -2.41
N PHE A 465 16.52 23.03 -1.77
CA PHE A 465 15.86 24.16 -2.43
C PHE A 465 16.91 25.16 -2.90
N LEU A 466 17.78 25.58 -1.99
CA LEU A 466 18.83 26.55 -2.28
C LEU A 466 20.20 25.98 -1.96
N ASP A 467 21.23 26.45 -2.67
CA ASP A 467 22.60 26.30 -2.20
C ASP A 467 22.64 26.91 -0.82
N ASN A 468 23.27 26.22 0.14
CA ASN A 468 23.19 26.63 1.54
C ASN A 468 24.46 26.31 2.33
N PHE A 469 24.40 26.52 3.63
CA PHE A 469 25.51 26.17 4.51
C PHE A 469 25.51 24.67 4.76
N GLU A 470 26.42 23.95 4.11
CA GLU A 470 26.42 22.49 4.19
C GLU A 470 27.31 22.00 5.34
N TRP A 471 26.94 22.41 6.55
CA TRP A 471 27.57 21.93 7.77
C TRP A 471 29.10 22.01 7.71
N LEU A 472 29.80 20.89 7.91
CA LEU A 472 31.26 20.92 7.95
C LEU A 472 31.90 21.35 6.61
N SER A 473 31.14 21.33 5.54
CA SER A 473 31.67 21.70 4.22
C SER A 473 31.42 23.18 3.90
N GLY A 474 30.76 23.89 4.81
CA GLY A 474 30.46 25.29 4.60
C GLY A 474 29.76 25.56 3.28
N TYR A 475 30.28 26.52 2.52
CA TYR A 475 29.66 26.88 1.25
C TYR A 475 30.42 26.30 0.05
N THR A 476 31.25 25.28 0.29
CA THR A 476 32.03 24.69 -0.78
C THR A 476 31.24 23.70 -1.62
N GLN A 477 30.07 23.33 -1.15
CA GLN A 477 29.26 22.37 -1.87
C GLN A 477 27.85 22.89 -2.10
N ARG A 478 27.41 22.82 -3.36
CA ARG A 478 26.12 23.35 -3.78
C ARG A 478 25.14 22.23 -4.09
N PHE A 479 24.14 22.06 -3.23
CA PHE A 479 23.14 21.01 -3.42
C PHE A 479 21.84 21.53 -4.01
N GLY A 480 21.75 22.84 -4.22
CA GLY A 480 20.49 23.46 -4.59
C GLY A 480 19.98 23.15 -5.98
N ILE A 481 18.67 23.19 -6.17
CA ILE A 481 18.11 23.27 -7.51
C ILE A 481 18.00 24.74 -7.89
N VAL A 482 18.25 25.59 -6.90
CA VAL A 482 18.34 27.04 -7.11
C VAL A 482 19.70 27.53 -6.65
N TYR A 483 20.42 28.20 -7.55
CA TYR A 483 21.73 28.75 -7.25
C TYR A 483 21.64 29.98 -6.36
N VAL A 484 22.54 30.08 -5.38
CA VAL A 484 22.64 31.29 -4.58
C VAL A 484 24.02 31.90 -4.78
N ASP A 485 24.02 33.16 -5.22
CA ASP A 485 25.26 33.86 -5.49
C ASP A 485 25.77 34.52 -4.22
N PHE A 486 26.52 33.77 -3.41
CA PHE A 486 27.00 34.27 -2.12
C PHE A 486 27.89 35.49 -2.27
N LYS A 487 28.55 35.60 -3.42
CA LYS A 487 29.45 36.72 -3.69
C LYS A 487 28.72 37.99 -4.12
N ASP A 488 27.50 37.84 -4.63
CA ASP A 488 26.76 38.99 -5.15
C ASP A 488 25.34 39.08 -4.57
N GLY A 489 25.25 39.52 -3.31
CA GLY A 489 23.97 39.81 -2.69
C GLY A 489 23.05 38.62 -2.42
N LEU A 490 23.65 37.43 -2.35
CA LEU A 490 22.89 36.19 -2.13
C LEU A 490 21.75 36.01 -3.12
N LYS A 491 21.95 36.44 -4.37
CA LYS A 491 20.88 36.40 -5.35
C LYS A 491 20.54 34.98 -5.80
N ARG A 492 19.25 34.74 -6.01
CA ARG A 492 18.78 33.42 -6.41
C ARG A 492 18.62 33.30 -7.93
N TYR A 493 19.10 32.19 -8.47
CA TYR A 493 18.90 31.85 -9.87
C TYR A 493 18.53 30.38 -9.99
N PRO A 494 17.30 30.09 -10.45
CA PRO A 494 16.89 28.71 -10.69
C PRO A 494 17.85 28.01 -11.65
N LYS A 495 18.29 26.81 -11.29
CA LYS A 495 19.22 26.07 -12.14
C LYS A 495 18.45 25.33 -13.23
N HIS A 496 19.16 24.69 -14.15
CA HIS A 496 18.49 23.89 -15.16
C HIS A 496 17.65 22.79 -14.50
N SER A 497 18.12 22.29 -13.37
CA SER A 497 17.39 21.27 -12.63
C SER A 497 16.04 21.78 -12.12
N ALA A 498 16.00 23.04 -11.69
CA ALA A 498 14.75 23.65 -11.25
C ALA A 498 13.77 23.74 -12.42
N LEU A 499 14.27 24.16 -13.57
CA LEU A 499 13.45 24.24 -14.77
C LEU A 499 12.97 22.85 -15.21
N TRP A 500 13.85 21.86 -15.08
CA TRP A 500 13.47 20.48 -15.39
C TRP A 500 12.32 20.04 -14.49
N PHE A 501 12.43 20.35 -13.20
CA PHE A 501 11.36 19.99 -12.27
C PHE A 501 10.08 20.73 -12.58
N LYS A 502 10.20 22.01 -12.92
CA LYS A 502 9.04 22.82 -13.29
C LYS A 502 8.24 22.18 -14.43
N LYS A 503 8.94 21.65 -15.42
CA LYS A 503 8.28 20.99 -16.54
C LYS A 503 7.73 19.63 -16.13
N PHE A 504 8.51 18.90 -15.34
CA PHE A 504 8.11 17.59 -14.82
C PHE A 504 6.81 17.68 -14.05
N LEU A 505 6.60 18.82 -13.37
CA LEU A 505 5.44 18.99 -12.50
C LEU A 505 4.23 19.54 -13.23
N LEU A 506 4.38 19.74 -14.55
CA LEU A 506 3.32 20.30 -15.38
C LEU A 506 2.93 21.68 -14.86
N LYS A 507 3.93 22.49 -14.53
CA LYS A 507 3.70 23.78 -13.89
C LYS A 507 4.67 24.85 -14.41
N PHE B 34 5.46 -25.63 -20.45
CA PHE B 34 4.79 -24.52 -19.78
C PHE B 34 4.46 -24.92 -18.34
N ASN B 35 5.08 -24.26 -17.38
CA ASN B 35 4.89 -24.61 -15.97
C ASN B 35 4.93 -23.40 -15.07
N ARG B 36 4.78 -23.60 -13.76
CA ARG B 36 4.58 -22.49 -12.84
C ARG B 36 5.78 -21.57 -12.67
N THR B 37 6.97 -22.01 -13.08
CA THR B 37 8.16 -21.16 -12.93
C THR B 37 8.11 -19.98 -13.90
N SER B 38 7.22 -20.05 -14.88
CA SER B 38 6.95 -18.91 -15.77
C SER B 38 6.22 -17.79 -15.03
N PHE B 39 5.70 -18.11 -13.85
CA PHE B 39 4.97 -17.13 -13.05
C PHE B 39 5.82 -16.66 -11.88
N PRO B 40 5.50 -15.49 -11.30
CA PRO B 40 6.29 -14.95 -10.19
C PRO B 40 6.44 -15.92 -9.03
N ASP B 41 7.58 -15.86 -8.34
CA ASP B 41 7.80 -16.71 -7.17
C ASP B 41 6.74 -16.44 -6.12
N GLY B 42 6.14 -17.51 -5.59
CA GLY B 42 5.15 -17.36 -4.54
C GLY B 42 3.75 -17.05 -5.04
N PHE B 43 3.57 -17.12 -6.36
CA PHE B 43 2.25 -16.98 -6.99
C PHE B 43 1.34 -18.08 -6.46
N VAL B 44 0.09 -17.74 -6.11
CA VAL B 44 -0.82 -18.74 -5.56
C VAL B 44 -1.71 -19.36 -6.63
N PHE B 45 -1.50 -20.64 -6.91
CA PHE B 45 -2.41 -21.37 -7.79
C PHE B 45 -3.40 -22.17 -6.95
N GLY B 46 -4.68 -22.04 -7.29
CA GLY B 46 -5.71 -22.71 -6.53
C GLY B 46 -6.91 -23.14 -7.33
N ALA B 47 -7.89 -23.71 -6.63
CA ALA B 47 -9.18 -24.05 -7.22
C ALA B 47 -10.26 -23.45 -6.34
N ALA B 48 -11.43 -23.23 -6.91
CA ALA B 48 -12.48 -22.50 -6.19
C ALA B 48 -13.74 -23.33 -5.99
N SER B 49 -14.53 -22.90 -5.01
CA SER B 49 -15.78 -23.55 -4.63
C SER B 49 -16.66 -22.51 -3.96
N SER B 50 -17.92 -22.85 -3.68
CA SER B 50 -18.76 -22.02 -2.82
C SER B 50 -19.70 -22.93 -2.03
N ALA B 51 -20.18 -22.44 -0.90
CA ALA B 51 -20.90 -23.25 0.07
C ALA B 51 -22.16 -23.91 -0.49
N TYR B 52 -23.08 -23.12 -1.03
CA TYR B 52 -24.34 -23.70 -1.48
C TYR B 52 -24.11 -24.66 -2.65
N GLN B 53 -23.13 -24.35 -3.48
CA GLN B 53 -22.87 -25.16 -4.66
C GLN B 53 -22.19 -26.50 -4.35
N PHE B 54 -21.56 -26.60 -3.18
CA PHE B 54 -20.71 -27.75 -2.85
C PHE B 54 -21.16 -28.57 -1.63
N GLU B 55 -21.57 -27.88 -0.57
CA GLU B 55 -21.66 -28.51 0.75
C GLU B 55 -22.73 -29.58 0.91
N GLY B 56 -23.93 -29.30 0.44
CA GLY B 56 -25.07 -30.13 0.79
C GLY B 56 -25.37 -29.93 2.25
N ALA B 57 -25.88 -30.99 2.90
CA ALA B 57 -26.26 -30.92 4.31
C ALA B 57 -27.07 -29.67 4.59
N ALA B 58 -28.03 -29.36 3.71
CA ALA B 58 -28.73 -28.09 3.74
C ALA B 58 -29.59 -27.94 4.99
N LYS B 59 -30.05 -29.06 5.52
CA LYS B 59 -30.88 -29.05 6.72
C LYS B 59 -30.24 -29.84 7.86
N GLU B 60 -28.93 -30.04 7.79
CA GLU B 60 -28.22 -30.82 8.80
C GLU B 60 -27.27 -29.95 9.61
N GLY B 61 -26.82 -30.50 10.75
CA GLY B 61 -25.77 -29.88 11.52
C GLY B 61 -26.14 -28.54 12.10
N GLY B 62 -27.43 -28.33 12.35
CA GLY B 62 -27.91 -27.11 12.98
C GLY B 62 -28.11 -25.94 12.03
N LYS B 63 -27.85 -26.15 10.75
CA LYS B 63 -27.96 -25.08 9.75
C LYS B 63 -29.40 -24.62 9.55
N GLY B 64 -29.57 -23.30 9.42
CA GLY B 64 -30.87 -22.72 9.13
C GLY B 64 -31.07 -22.51 7.64
N PRO B 65 -32.29 -22.14 7.23
CA PRO B 65 -32.59 -21.99 5.80
C PRO B 65 -31.98 -20.73 5.21
N ASN B 66 -31.54 -20.81 3.96
CA ASN B 66 -31.10 -19.60 3.24
C ASN B 66 -31.97 -19.39 2.01
N ILE B 67 -31.76 -18.27 1.32
CA ILE B 67 -32.66 -17.93 0.21
C ILE B 67 -32.52 -18.87 -0.97
N TRP B 68 -31.41 -19.59 -1.05
CA TRP B 68 -31.24 -20.56 -2.13
C TRP B 68 -31.92 -21.89 -1.82
N ASP B 69 -31.98 -22.27 -0.54
CA ASP B 69 -32.86 -23.36 -0.12
C ASP B 69 -34.29 -23.06 -0.57
N THR B 70 -34.69 -21.82 -0.30
CA THR B 70 -36.05 -21.38 -0.57
C THR B 70 -36.34 -21.31 -2.05
N PHE B 71 -35.43 -20.72 -2.81
CA PHE B 71 -35.59 -20.48 -4.24
C PHE B 71 -35.67 -21.78 -5.05
N THR B 72 -34.76 -22.71 -4.77
CA THR B 72 -34.73 -23.97 -5.52
C THR B 72 -35.96 -24.82 -5.24
N HIS B 73 -36.47 -24.73 -4.01
CA HIS B 73 -37.64 -25.53 -3.66
C HIS B 73 -38.95 -24.89 -4.11
N GLU B 74 -39.02 -23.57 -4.11
CA GLU B 74 -40.27 -22.92 -4.46
C GLU B 74 -40.33 -22.50 -5.93
N PHE B 75 -39.19 -22.48 -6.62
CA PHE B 75 -39.21 -22.20 -8.07
C PHE B 75 -38.39 -23.19 -8.90
N PRO B 76 -38.79 -24.48 -8.87
CA PRO B 76 -38.05 -25.50 -9.62
C PRO B 76 -38.04 -25.25 -11.13
N GLY B 77 -39.00 -24.48 -11.63
CA GLY B 77 -39.03 -24.10 -13.03
C GLY B 77 -37.88 -23.20 -13.41
N LYS B 78 -37.27 -22.58 -12.41
CA LYS B 78 -36.14 -21.66 -12.64
C LYS B 78 -34.79 -22.34 -12.46
N ILE B 79 -34.80 -23.65 -12.22
CA ILE B 79 -33.58 -24.45 -12.18
C ILE B 79 -33.68 -25.58 -13.19
N SER B 80 -32.61 -25.81 -13.97
CA SER B 80 -32.60 -26.94 -14.91
C SER B 80 -32.93 -28.24 -14.20
N ASN B 81 -33.92 -28.96 -14.73
CA ASN B 81 -34.41 -30.23 -14.17
C ASN B 81 -34.94 -30.15 -12.74
N GLY B 82 -35.28 -28.95 -12.28
CA GLY B 82 -35.80 -28.78 -10.93
C GLY B 82 -34.87 -29.31 -9.86
N SER B 83 -33.57 -29.09 -10.05
CA SER B 83 -32.55 -29.54 -9.10
C SER B 83 -32.41 -28.58 -7.92
N THR B 84 -31.76 -29.06 -6.85
CA THR B 84 -31.44 -28.23 -5.69
C THR B 84 -30.02 -28.48 -5.19
N GLY B 85 -29.59 -27.67 -4.24
CA GLY B 85 -28.32 -27.90 -3.57
C GLY B 85 -28.48 -28.62 -2.23
N ASP B 86 -29.58 -29.34 -2.06
CA ASP B 86 -29.83 -30.10 -0.82
C ASP B 86 -28.66 -30.99 -0.44
N VAL B 87 -28.09 -31.65 -1.45
CA VAL B 87 -26.96 -32.54 -1.26
C VAL B 87 -25.72 -32.04 -1.99
N ALA B 88 -25.92 -31.53 -3.21
CA ALA B 88 -24.81 -31.04 -4.04
C ALA B 88 -23.67 -32.06 -4.11
N ASP B 89 -22.47 -31.64 -3.73
CA ASP B 89 -21.31 -32.53 -3.75
C ASP B 89 -21.15 -33.28 -2.43
N ASP B 90 -21.99 -32.93 -1.46
CA ASP B 90 -21.86 -33.43 -0.08
C ASP B 90 -20.45 -33.15 0.46
N PHE B 91 -19.91 -31.98 0.12
CA PHE B 91 -18.60 -31.56 0.61
C PHE B 91 -18.60 -31.48 2.14
N TYR B 92 -19.76 -31.21 2.73
CA TYR B 92 -19.89 -31.12 4.18
C TYR B 92 -19.42 -32.40 4.88
N HIS B 93 -19.71 -33.54 4.26
CA HIS B 93 -19.33 -34.82 4.85
C HIS B 93 -18.04 -35.36 4.27
N ARG B 94 -17.73 -34.98 3.04
CA ARG B 94 -16.63 -35.59 2.31
C ARG B 94 -15.36 -34.75 2.25
N TYR B 95 -15.30 -33.68 3.02
CA TYR B 95 -14.21 -32.71 2.91
C TYR B 95 -12.83 -33.34 3.12
N LYS B 96 -12.73 -34.35 3.98
CA LYS B 96 -11.45 -35.00 4.24
C LYS B 96 -10.87 -35.65 2.98
N GLU B 97 -11.71 -36.35 2.23
CA GLU B 97 -11.26 -36.98 1.01
C GLU B 97 -10.98 -35.93 -0.05
N ASP B 98 -11.83 -34.91 -0.13
CA ASP B 98 -11.66 -33.85 -1.10
C ASP B 98 -10.36 -33.08 -0.88
N VAL B 99 -10.00 -32.85 0.39
CA VAL B 99 -8.77 -32.13 0.68
C VAL B 99 -7.55 -32.95 0.21
N LYS B 100 -7.65 -34.27 0.28
CA LYS B 100 -6.59 -35.12 -0.28
C LYS B 100 -6.43 -34.91 -1.78
N VAL B 101 -7.54 -34.71 -2.48
CA VAL B 101 -7.51 -34.44 -3.92
C VAL B 101 -6.81 -33.12 -4.22
N LEU B 102 -7.11 -32.09 -3.42
CA LEU B 102 -6.47 -30.79 -3.58
C LEU B 102 -4.95 -30.90 -3.42
N LYS B 103 -4.53 -31.72 -2.46
CA LYS B 103 -3.12 -31.96 -2.20
C LYS B 103 -2.49 -32.77 -3.35
N PHE B 104 -3.23 -33.75 -3.84
CA PHE B 104 -2.81 -34.55 -4.98
C PHE B 104 -2.53 -33.67 -6.20
N ILE B 105 -3.42 -32.71 -6.45
CA ILE B 105 -3.25 -31.79 -7.56
C ILE B 105 -2.08 -30.85 -7.28
N GLY B 106 -1.80 -30.60 -6.00
CA GLY B 106 -0.64 -29.80 -5.61
C GLY B 106 -0.90 -28.31 -5.54
N LEU B 107 -2.15 -27.95 -5.24
CA LEU B 107 -2.55 -26.55 -5.22
C LEU B 107 -1.92 -25.77 -4.05
N ASP B 108 -1.71 -24.48 -4.27
CA ASP B 108 -1.21 -23.58 -3.23
C ASP B 108 -2.34 -23.09 -2.35
N GLY B 109 -3.53 -22.96 -2.93
CA GLY B 109 -4.66 -22.37 -2.23
C GLY B 109 -5.99 -22.96 -2.60
N PHE B 110 -6.98 -22.70 -1.77
CA PHE B 110 -8.33 -23.19 -2.02
C PHE B 110 -9.34 -22.12 -1.65
N ARG B 111 -10.14 -21.72 -2.62
CA ARG B 111 -11.18 -20.72 -2.38
C ARG B 111 -12.48 -21.44 -2.03
N MET B 112 -13.09 -21.03 -0.92
CA MET B 112 -14.35 -21.61 -0.45
C MET B 112 -15.12 -20.50 0.24
N SER B 113 -16.41 -20.69 0.46
CA SER B 113 -17.22 -19.68 1.12
C SER B 113 -17.84 -20.18 2.42
N ILE B 114 -18.21 -19.23 3.28
CA ILE B 114 -18.89 -19.55 4.53
C ILE B 114 -20.39 -19.48 4.34
N SER B 115 -21.09 -20.55 4.70
CA SER B 115 -22.54 -20.53 4.69
C SER B 115 -23.08 -19.75 5.88
N TRP B 116 -23.58 -18.56 5.59
CA TRP B 116 -24.08 -17.64 6.62
C TRP B 116 -25.07 -18.32 7.56
N ALA B 117 -26.04 -19.05 6.99
CA ALA B 117 -27.06 -19.68 7.80
C ALA B 117 -26.56 -20.96 8.50
N ARG B 118 -25.38 -21.44 8.11
CA ARG B 118 -24.82 -22.59 8.83
C ARG B 118 -24.19 -22.13 10.15
N VAL B 119 -23.58 -20.95 10.16
CA VAL B 119 -22.93 -20.47 11.39
C VAL B 119 -23.85 -19.58 12.23
N LEU B 120 -24.77 -18.87 11.57
CA LEU B 120 -25.79 -18.07 12.24
C LEU B 120 -27.17 -18.44 11.68
N PRO B 121 -27.79 -19.48 12.24
CA PRO B 121 -29.02 -20.03 11.65
C PRO B 121 -30.15 -19.01 11.51
N ARG B 122 -30.14 -17.97 12.33
CA ARG B 122 -31.16 -16.94 12.25
C ARG B 122 -30.62 -15.62 11.69
N GLY B 123 -29.44 -15.68 11.08
CA GLY B 123 -28.88 -14.53 10.41
C GLY B 123 -28.24 -13.53 11.34
N LYS B 124 -29.03 -13.04 12.30
CA LYS B 124 -28.54 -12.09 13.29
C LYS B 124 -27.67 -12.77 14.34
N LEU B 125 -26.69 -12.04 14.83
CA LEU B 125 -25.83 -12.53 15.90
C LEU B 125 -26.64 -12.86 17.15
N SER B 126 -27.67 -12.06 17.42
CA SER B 126 -28.52 -12.26 18.59
C SER B 126 -29.33 -13.55 18.49
N GLY B 127 -29.47 -14.06 17.27
CA GLY B 127 -30.16 -15.32 17.04
C GLY B 127 -29.37 -16.54 17.45
N GLY B 128 -28.09 -16.34 17.76
CA GLY B 128 -27.25 -17.42 18.25
C GLY B 128 -26.29 -17.99 17.22
N VAL B 129 -25.10 -18.36 17.69
CA VAL B 129 -24.10 -18.99 16.84
C VAL B 129 -24.24 -20.51 16.90
N ASN B 130 -24.17 -21.14 15.74
CA ASN B 130 -24.24 -22.59 15.65
C ASN B 130 -22.85 -23.22 15.75
N LYS B 131 -22.54 -23.76 16.92
CA LYS B 131 -21.18 -24.25 17.19
C LYS B 131 -20.78 -25.40 16.26
N GLU B 132 -21.75 -26.22 15.87
CA GLU B 132 -21.49 -27.33 14.95
C GLU B 132 -21.12 -26.80 13.56
N GLY B 133 -21.65 -25.64 13.22
CA GLY B 133 -21.33 -25.00 11.95
C GLY B 133 -19.92 -24.45 11.96
N ILE B 134 -19.59 -23.72 13.01
CA ILE B 134 -18.24 -23.22 13.22
C ILE B 134 -17.22 -24.37 13.18
N ALA B 135 -17.57 -25.48 13.79
CA ALA B 135 -16.68 -26.63 13.88
C ALA B 135 -16.38 -27.22 12.50
N PHE B 136 -17.38 -27.24 11.62
CA PHE B 136 -17.16 -27.72 10.26
C PHE B 136 -16.09 -26.89 9.55
N TYR B 137 -16.21 -25.57 9.61
CA TYR B 137 -15.27 -24.72 8.90
C TYR B 137 -13.89 -24.80 9.53
N ASN B 138 -13.82 -24.86 10.86
CA ASN B 138 -12.54 -25.10 11.52
C ASN B 138 -11.88 -26.40 11.06
N ASN B 139 -12.68 -27.46 10.94
CA ASN B 139 -12.14 -28.74 10.50
C ASN B 139 -11.59 -28.69 9.08
N VAL B 140 -12.33 -28.05 8.18
CA VAL B 140 -11.86 -27.89 6.80
C VAL B 140 -10.58 -27.06 6.76
N ILE B 141 -10.59 -25.93 7.46
CA ILE B 141 -9.45 -25.03 7.48
C ILE B 141 -8.22 -25.73 8.05
N ASN B 142 -8.38 -26.46 9.15
CA ASN B 142 -7.24 -27.15 9.77
C ASN B 142 -6.66 -28.24 8.87
N ASP B 143 -7.52 -28.93 8.14
CA ASP B 143 -7.07 -29.97 7.23
C ASP B 143 -6.34 -29.34 6.05
N LEU B 144 -6.93 -28.27 5.49
CA LEU B 144 -6.31 -27.55 4.37
C LEU B 144 -4.89 -27.11 4.72
N LEU B 145 -4.74 -26.46 5.88
CA LEU B 145 -3.44 -25.97 6.31
C LEU B 145 -2.44 -27.12 6.56
N SER B 146 -2.94 -28.26 7.02
CA SER B 146 -2.04 -29.40 7.25
C SER B 146 -1.44 -29.88 5.93
N LYS B 147 -2.17 -29.65 4.84
CA LYS B 147 -1.69 -30.01 3.51
C LYS B 147 -0.91 -28.87 2.85
N GLY B 148 -0.74 -27.77 3.58
CA GLY B 148 -0.01 -26.62 3.08
C GLY B 148 -0.81 -25.80 2.08
N ILE B 149 -2.14 -25.87 2.19
CA ILE B 149 -3.04 -25.16 1.28
C ILE B 149 -3.66 -23.96 1.98
N GLN B 150 -3.41 -22.77 1.45
CA GLN B 150 -3.95 -21.53 2.03
C GLN B 150 -5.43 -21.36 1.75
N PRO B 151 -6.26 -21.20 2.80
CA PRO B 151 -7.68 -20.93 2.56
C PRO B 151 -7.93 -19.48 2.16
N PHE B 152 -8.54 -19.29 0.99
CA PHE B 152 -9.06 -17.97 0.60
C PHE B 152 -10.56 -18.01 0.84
N ILE B 153 -11.03 -17.31 1.85
CA ILE B 153 -12.42 -17.45 2.26
C ILE B 153 -13.31 -16.30 1.76
N THR B 154 -14.32 -16.68 0.99
CA THR B 154 -15.40 -15.77 0.62
C THR B 154 -16.42 -15.74 1.75
N ILE B 155 -16.66 -14.56 2.32
CA ILE B 155 -17.60 -14.48 3.42
C ILE B 155 -19.04 -14.70 2.91
N PHE B 156 -19.39 -14.00 1.83
CA PHE B 156 -20.75 -14.09 1.27
C PHE B 156 -20.77 -14.46 -0.20
N HIS B 157 -21.21 -15.69 -0.50
CA HIS B 157 -21.35 -16.15 -1.88
C HIS B 157 -22.84 -16.46 -2.15
N TRP B 158 -23.68 -15.48 -1.82
CA TRP B 158 -25.10 -15.37 -2.22
C TRP B 158 -26.12 -16.10 -1.32
N ASP B 159 -25.65 -16.93 -0.40
CA ASP B 159 -26.59 -17.73 0.39
C ASP B 159 -27.06 -17.00 1.67
N LEU B 160 -27.83 -15.95 1.46
CA LEU B 160 -28.37 -15.13 2.54
C LEU B 160 -29.34 -15.93 3.41
N PRO B 161 -29.23 -15.83 4.74
CA PRO B 161 -30.20 -16.50 5.61
C PRO B 161 -31.62 -16.03 5.33
N GLN B 162 -32.56 -16.97 5.24
CA GLN B 162 -33.94 -16.63 4.95
C GLN B 162 -34.51 -15.70 6.02
N ALA B 163 -34.00 -15.80 7.24
CA ALA B 163 -34.49 -14.99 8.34
C ALA B 163 -34.29 -13.49 8.07
N LEU B 164 -33.21 -13.14 7.37
CA LEU B 164 -32.91 -11.74 7.10
C LEU B 164 -33.69 -11.26 5.88
N GLU B 165 -33.88 -12.14 4.91
CA GLU B 165 -34.72 -11.83 3.76
C GLU B 165 -36.15 -11.58 4.22
N ASP B 166 -36.62 -12.40 5.15
CA ASP B 166 -37.99 -12.26 5.67
C ASP B 166 -38.17 -11.01 6.53
N GLU B 167 -37.19 -10.73 7.38
CA GLU B 167 -37.34 -9.63 8.34
C GLU B 167 -37.36 -8.24 7.69
N TYR B 168 -36.47 -8.00 6.74
CA TYR B 168 -36.39 -6.67 6.13
C TYR B 168 -36.03 -6.67 4.64
N GLY B 169 -36.13 -7.83 3.99
CA GLY B 169 -35.90 -7.90 2.57
C GLY B 169 -34.43 -7.96 2.20
N GLY B 170 -33.62 -8.46 3.13
CA GLY B 170 -32.21 -8.65 2.87
C GLY B 170 -31.51 -7.37 2.41
N PHE B 171 -30.82 -7.45 1.28
CA PHE B 171 -30.04 -6.32 0.80
C PHE B 171 -30.86 -5.16 0.22
N LEU B 172 -32.20 -5.27 0.27
CA LEU B 172 -33.04 -4.11 -0.03
C LEU B 172 -33.01 -3.09 1.10
N SER B 173 -32.53 -3.51 2.26
CA SER B 173 -32.62 -2.69 3.47
C SER B 173 -31.27 -2.29 4.02
N PRO B 174 -31.16 -1.05 4.53
CA PRO B 174 -29.93 -0.62 5.21
C PRO B 174 -29.64 -1.45 6.46
N HIS B 175 -30.64 -2.17 6.96
CA HIS B 175 -30.44 -3.04 8.12
C HIS B 175 -29.44 -4.16 7.85
N ILE B 176 -29.26 -4.51 6.57
CA ILE B 176 -28.38 -5.62 6.22
C ILE B 176 -26.91 -5.33 6.59
N VAL B 177 -26.54 -4.06 6.60
CA VAL B 177 -25.13 -3.69 6.79
C VAL B 177 -24.58 -4.17 8.13
N ASN B 178 -25.33 -3.92 9.21
CA ASN B 178 -24.86 -4.31 10.53
C ASN B 178 -24.92 -5.81 10.77
N ASP B 179 -25.89 -6.49 10.17
CA ASP B 179 -25.95 -7.94 10.26
C ASP B 179 -24.82 -8.56 9.44
N PHE B 180 -24.50 -7.97 8.29
CA PHE B 180 -23.38 -8.43 7.48
C PHE B 180 -22.08 -8.23 8.25
N ARG B 181 -21.95 -7.07 8.90
CA ARG B 181 -20.76 -6.78 9.69
C ARG B 181 -20.54 -7.79 10.81
N ASP B 182 -21.62 -8.13 11.52
CA ASP B 182 -21.54 -9.11 12.62
C ASP B 182 -21.15 -10.50 12.12
N PHE B 183 -21.65 -10.86 10.93
CA PHE B 183 -21.31 -12.13 10.30
C PHE B 183 -19.83 -12.15 9.93
N ALA B 184 -19.36 -11.07 9.30
CA ALA B 184 -17.94 -10.94 8.97
C ALA B 184 -17.09 -11.04 10.23
N GLU B 185 -17.50 -10.37 11.30
CA GLU B 185 -16.73 -10.37 12.54
C GLU B 185 -16.66 -11.77 13.16
N LEU B 186 -17.75 -12.49 13.07
CA LEU B 186 -17.78 -13.86 13.56
C LEU B 186 -16.72 -14.69 12.83
N CYS B 187 -16.64 -14.50 11.51
CA CYS B 187 -15.62 -15.18 10.72
C CYS B 187 -14.20 -14.77 11.14
N PHE B 188 -13.98 -13.47 11.34
CA PHE B 188 -12.66 -12.97 11.74
C PHE B 188 -12.24 -13.56 13.07
N LYS B 189 -13.19 -13.58 14.00
CA LYS B 189 -12.93 -14.05 15.35
C LYS B 189 -12.67 -15.55 15.43
N GLU B 190 -13.46 -16.32 14.67
CA GLU B 190 -13.36 -17.77 14.76
C GLU B 190 -12.28 -18.36 13.86
N PHE B 191 -12.02 -17.71 12.72
CA PHE B 191 -11.11 -18.29 11.73
C PHE B 191 -9.89 -17.45 11.36
N GLY B 192 -9.89 -16.18 11.78
CA GLY B 192 -8.87 -15.25 11.33
C GLY B 192 -7.46 -15.50 11.85
N ASP B 193 -7.33 -16.37 12.85
CA ASP B 193 -6.01 -16.76 13.34
C ASP B 193 -5.31 -17.64 12.30
N ARG B 194 -6.09 -18.26 11.43
CA ARG B 194 -5.56 -19.18 10.43
C ARG B 194 -5.81 -18.70 8.99
N VAL B 195 -6.92 -17.99 8.78
CA VAL B 195 -7.27 -17.50 7.45
C VAL B 195 -6.64 -16.13 7.21
N LYS B 196 -5.86 -15.99 6.14
CA LYS B 196 -5.14 -14.73 5.92
C LYS B 196 -5.53 -14.04 4.62
N HIS B 197 -6.52 -14.59 3.92
CA HIS B 197 -7.07 -13.93 2.74
C HIS B 197 -8.60 -13.96 2.80
N TRP B 198 -9.20 -12.79 2.90
CA TRP B 198 -10.64 -12.66 3.01
C TRP B 198 -11.25 -11.98 1.79
N ILE B 199 -12.34 -12.55 1.29
CA ILE B 199 -13.13 -11.93 0.24
C ILE B 199 -14.50 -11.63 0.84
N THR B 200 -14.88 -10.36 0.93
CA THR B 200 -16.14 -9.99 1.58
C THR B 200 -17.33 -10.65 0.90
N MET B 201 -17.37 -10.55 -0.42
CA MET B 201 -18.49 -11.10 -1.17
C MET B 201 -18.11 -11.46 -2.58
N ASN B 202 -18.84 -12.43 -3.14
CA ASN B 202 -18.63 -12.84 -4.51
C ASN B 202 -19.62 -12.17 -5.46
N GLU B 203 -19.10 -11.46 -6.45
CA GLU B 203 -19.92 -10.94 -7.56
C GLU B 203 -21.21 -10.25 -7.13
N PRO B 204 -21.10 -9.09 -6.49
CA PRO B 204 -22.34 -8.37 -6.18
C PRO B 204 -23.14 -8.02 -7.44
N TRP B 205 -22.49 -7.93 -8.60
CA TRP B 205 -23.24 -7.75 -9.85
C TRP B 205 -24.21 -8.88 -10.08
N SER B 206 -23.76 -10.12 -9.89
CA SER B 206 -24.61 -11.27 -10.14
C SER B 206 -25.79 -11.29 -9.18
N TYR B 207 -25.53 -10.98 -7.91
CA TYR B 207 -26.57 -10.97 -6.89
C TYR B 207 -27.63 -9.93 -7.23
N SER B 208 -27.19 -8.73 -7.61
CA SER B 208 -28.11 -7.65 -7.91
C SER B 208 -28.85 -7.87 -9.23
N TYR B 209 -28.10 -8.08 -10.31
CA TYR B 209 -28.75 -8.32 -11.59
C TYR B 209 -29.60 -9.59 -11.58
N GLY B 210 -29.00 -10.69 -11.14
CA GLY B 210 -29.67 -11.97 -11.21
C GLY B 210 -30.84 -12.06 -10.25
N GLY B 211 -30.69 -11.45 -9.08
CA GLY B 211 -31.71 -11.54 -8.06
C GLY B 211 -32.81 -10.50 -8.12
N TYR B 212 -32.58 -9.40 -8.84
CA TYR B 212 -33.50 -8.25 -8.76
C TYR B 212 -33.84 -7.61 -10.11
N ASP B 213 -33.09 -7.91 -11.15
CA ASP B 213 -33.44 -7.42 -12.48
C ASP B 213 -34.10 -8.54 -13.26
N ALA B 214 -33.38 -9.63 -13.45
CA ALA B 214 -33.87 -10.74 -14.27
C ALA B 214 -34.66 -11.77 -13.47
N GLY B 215 -34.50 -11.76 -12.15
CA GLY B 215 -35.20 -12.72 -11.30
C GLY B 215 -34.78 -14.16 -11.57
N LEU B 216 -33.55 -14.32 -12.04
CA LEU B 216 -33.02 -15.64 -12.41
C LEU B 216 -32.34 -16.33 -11.23
N LEU B 217 -31.95 -15.54 -10.23
CA LEU B 217 -31.30 -16.05 -9.02
C LEU B 217 -32.11 -15.67 -7.79
N ALA B 218 -31.92 -16.42 -6.71
CA ALA B 218 -32.50 -16.06 -5.42
C ALA B 218 -32.13 -14.62 -5.07
N PRO B 219 -33.07 -13.85 -4.51
CA PRO B 219 -34.40 -14.25 -4.06
C PRO B 219 -35.49 -14.21 -5.14
N GLY B 220 -35.10 -14.08 -6.40
CA GLY B 220 -36.05 -14.18 -7.52
C GLY B 220 -37.05 -13.04 -7.64
N ARG B 221 -36.55 -11.81 -7.67
CA ARG B 221 -37.41 -10.65 -7.79
C ARG B 221 -37.22 -9.94 -9.13
N CYS B 222 -38.30 -9.37 -9.67
CA CYS B 222 -38.26 -8.62 -10.91
C CYS B 222 -39.60 -7.92 -11.13
N SER B 223 -39.65 -7.03 -12.10
CA SER B 223 -40.87 -6.26 -12.40
C SER B 223 -42.03 -7.15 -12.82
N ALA B 224 -43.22 -6.74 -12.41
CA ALA B 224 -44.45 -7.49 -12.71
C ALA B 224 -44.71 -7.64 -14.20
N PHE B 225 -44.21 -6.70 -15.03
CA PHE B 225 -44.48 -6.80 -16.46
C PHE B 225 -43.76 -7.99 -17.10
N MET B 226 -42.80 -8.57 -16.39
CA MET B 226 -42.08 -9.73 -16.89
C MET B 226 -42.84 -11.05 -16.71
N ALA B 227 -43.86 -11.03 -15.84
CA ALA B 227 -44.62 -12.24 -15.50
C ALA B 227 -43.68 -13.41 -15.18
N PHE B 228 -42.73 -13.15 -14.28
CA PHE B 228 -41.65 -14.10 -14.01
C PHE B 228 -41.38 -14.19 -12.51
N CYS B 229 -41.72 -13.15 -11.78
CA CYS B 229 -41.48 -13.09 -10.34
C CYS B 229 -42.72 -12.61 -9.58
N PRO B 230 -42.96 -13.16 -8.38
CA PRO B 230 -44.09 -12.68 -7.57
C PRO B 230 -43.96 -11.22 -7.16
N LYS B 231 -42.74 -10.76 -6.89
CA LYS B 231 -42.55 -9.37 -6.48
C LYS B 231 -41.27 -8.76 -7.03
N GLY B 232 -41.16 -7.45 -6.95
CA GLY B 232 -39.95 -6.77 -7.36
C GLY B 232 -40.16 -5.57 -8.28
N ASN B 233 -39.04 -5.02 -8.72
CA ASN B 233 -39.01 -3.85 -9.59
C ASN B 233 -37.62 -3.79 -10.19
N SER B 234 -37.52 -4.19 -11.46
CA SER B 234 -36.22 -4.31 -12.13
C SER B 234 -35.59 -2.96 -12.40
N GLY B 235 -36.38 -1.90 -12.32
CA GLY B 235 -35.88 -0.56 -12.60
C GLY B 235 -35.32 0.15 -11.39
N THR B 236 -35.69 -0.30 -10.19
CA THR B 236 -35.26 0.35 -8.95
C THR B 236 -34.45 -0.55 -8.04
N GLU B 237 -34.90 -1.78 -7.82
CA GLU B 237 -34.26 -2.63 -6.81
C GLU B 237 -32.79 -3.03 -7.09
N PRO B 238 -32.40 -3.23 -8.36
CA PRO B 238 -30.97 -3.56 -8.53
C PRO B 238 -30.04 -2.46 -8.01
N TYR B 239 -30.46 -1.21 -8.18
CA TYR B 239 -29.66 -0.08 -7.72
C TYR B 239 -29.67 0.04 -6.20
N ILE B 240 -30.82 -0.21 -5.60
CA ILE B 240 -30.94 -0.22 -4.15
C ILE B 240 -30.04 -1.29 -3.53
N VAL B 241 -30.10 -2.49 -4.10
CA VAL B 241 -29.35 -3.64 -3.60
C VAL B 241 -27.84 -3.45 -3.76
N THR B 242 -27.42 -2.92 -4.90
CA THR B 242 -26.00 -2.70 -5.13
C THR B 242 -25.42 -1.70 -4.15
N HIS B 243 -26.17 -0.65 -3.84
CA HIS B 243 -25.72 0.34 -2.86
C HIS B 243 -25.47 -0.34 -1.51
N ASN B 244 -26.43 -1.14 -1.06
CA ASN B 244 -26.29 -1.84 0.21
C ASN B 244 -25.21 -2.92 0.21
N LEU B 245 -24.99 -3.55 -0.95
CA LEU B 245 -23.88 -4.51 -1.05
C LEU B 245 -22.54 -3.81 -0.88
N LEU B 246 -22.38 -2.66 -1.52
CA LEU B 246 -21.14 -1.90 -1.39
C LEU B 246 -20.94 -1.39 0.04
N LEU B 247 -22.02 -0.96 0.68
CA LEU B 247 -21.93 -0.44 2.04
C LEU B 247 -21.64 -1.57 3.03
N SER B 248 -22.18 -2.75 2.76
CA SER B 248 -21.95 -3.92 3.60
C SER B 248 -20.50 -4.38 3.51
N HIS B 249 -20.01 -4.48 2.28
CA HIS B 249 -18.60 -4.75 2.02
C HIS B 249 -17.71 -3.77 2.78
N ALA B 250 -17.99 -2.49 2.63
CA ALA B 250 -17.17 -1.44 3.20
C ALA B 250 -17.11 -1.51 4.72
N ALA B 251 -18.24 -1.88 5.33
CA ALA B 251 -18.30 -2.00 6.79
C ALA B 251 -17.43 -3.15 7.27
N ALA B 252 -17.48 -4.26 6.54
CA ALA B 252 -16.66 -5.43 6.89
C ALA B 252 -15.18 -5.10 6.78
N VAL B 253 -14.82 -4.38 5.72
CA VAL B 253 -13.43 -4.03 5.49
C VAL B 253 -12.92 -3.08 6.59
N LYS B 254 -13.75 -2.10 6.93
CA LYS B 254 -13.35 -1.16 7.98
C LYS B 254 -13.10 -1.88 9.29
N LEU B 255 -14.00 -2.79 9.66
CA LEU B 255 -13.86 -3.55 10.88
C LEU B 255 -12.58 -4.39 10.84
N TYR B 256 -12.32 -5.06 9.72
CA TYR B 256 -11.13 -5.89 9.62
C TYR B 256 -9.87 -5.07 9.79
N LYS B 257 -9.79 -3.96 9.05
CA LYS B 257 -8.64 -3.09 9.10
C LYS B 257 -8.37 -2.54 10.50
N GLU B 258 -9.43 -2.14 11.19
CA GLU B 258 -9.27 -1.42 12.45
C GLU B 258 -9.14 -2.35 13.66
N LYS B 259 -9.71 -3.55 13.57
CA LYS B 259 -9.76 -4.41 14.76
C LYS B 259 -8.98 -5.74 14.63
N TYR B 260 -8.77 -6.21 13.40
CA TYR B 260 -8.19 -7.55 13.24
C TYR B 260 -6.88 -7.60 12.46
N GLN B 261 -6.72 -6.72 11.47
CA GLN B 261 -5.60 -6.82 10.55
C GLN B 261 -4.23 -6.67 11.21
N ALA B 262 -4.13 -5.78 12.19
CA ALA B 262 -2.85 -5.54 12.85
C ALA B 262 -2.31 -6.82 13.52
N TYR B 263 -3.21 -7.59 14.11
CA TYR B 263 -2.82 -8.79 14.86
C TYR B 263 -2.85 -10.05 13.99
N GLN B 264 -3.86 -10.16 13.14
CA GLN B 264 -4.00 -11.36 12.32
C GLN B 264 -3.19 -11.30 11.04
N LYS B 265 -2.87 -10.09 10.59
CA LYS B 265 -1.96 -9.84 9.48
C LYS B 265 -2.39 -10.48 8.15
N GLY B 266 -3.70 -10.56 7.93
CA GLY B 266 -4.21 -11.05 6.66
C GLY B 266 -4.53 -9.92 5.71
N GLN B 267 -5.12 -10.26 4.57
CA GLN B 267 -5.55 -9.27 3.57
C GLN B 267 -7.02 -9.43 3.27
N ILE B 268 -7.71 -8.34 2.96
CA ILE B 268 -9.13 -8.42 2.65
C ILE B 268 -9.48 -7.69 1.35
N GLY B 269 -10.33 -8.32 0.55
CA GLY B 269 -10.72 -7.75 -0.73
C GLY B 269 -12.15 -8.07 -1.07
N ILE B 270 -12.48 -7.97 -2.35
CA ILE B 270 -13.82 -8.23 -2.86
C ILE B 270 -13.70 -8.83 -4.25
N THR B 271 -14.61 -9.71 -4.62
CA THR B 271 -14.58 -10.33 -5.95
C THR B 271 -15.64 -9.74 -6.87
N LEU B 272 -15.18 -9.25 -8.03
CA LEU B 272 -16.07 -8.69 -9.04
C LEU B 272 -16.02 -9.54 -10.30
N VAL B 273 -17.10 -9.55 -11.05
CA VAL B 273 -17.12 -10.21 -12.35
C VAL B 273 -17.51 -9.23 -13.43
N THR B 274 -16.93 -9.38 -14.61
CA THR B 274 -17.42 -8.66 -15.76
C THR B 274 -17.11 -9.45 -17.03
N TYR B 275 -17.99 -9.34 -18.00
CA TYR B 275 -17.65 -9.76 -19.35
C TYR B 275 -16.68 -8.73 -19.89
N TRP B 276 -15.75 -9.13 -20.74
CA TRP B 276 -14.98 -8.14 -21.47
C TRP B 276 -15.80 -7.73 -22.70
N MET B 277 -15.93 -6.42 -22.91
CA MET B 277 -16.82 -5.92 -23.94
C MET B 277 -16.07 -5.52 -25.21
N ILE B 278 -16.50 -6.06 -26.34
CA ILE B 278 -15.92 -5.73 -27.65
C ILE B 278 -16.97 -5.03 -28.50
N PRO B 279 -16.65 -3.84 -29.04
CA PRO B 279 -17.62 -3.17 -29.92
C PRO B 279 -18.00 -4.08 -31.08
N TYR B 280 -19.30 -4.21 -31.36
CA TYR B 280 -19.77 -5.06 -32.45
C TYR B 280 -19.17 -4.60 -33.78
N SER B 281 -19.07 -3.29 -33.95
CA SER B 281 -18.49 -2.69 -35.15
C SER B 281 -17.53 -1.59 -34.74
N ASN B 282 -16.87 -0.95 -35.72
CA ASN B 282 -15.94 0.13 -35.39
C ASN B 282 -16.62 1.49 -35.28
N SER B 283 -17.94 1.51 -35.34
CA SER B 283 -18.68 2.76 -35.20
C SER B 283 -18.49 3.37 -33.81
N LYS B 284 -18.54 4.70 -33.75
CA LYS B 284 -18.55 5.42 -32.48
C LYS B 284 -19.70 4.94 -31.60
N ALA B 285 -20.84 4.65 -32.23
CA ALA B 285 -22.02 4.20 -31.50
C ALA B 285 -21.76 2.90 -30.75
N ASP B 286 -21.14 1.94 -31.42
CA ASP B 286 -20.87 0.64 -30.79
C ASP B 286 -19.71 0.70 -29.82
N LYS B 287 -18.73 1.55 -30.10
CA LYS B 287 -17.63 1.78 -29.16
C LYS B 287 -18.18 2.27 -27.83
N ASP B 288 -19.05 3.28 -27.91
CA ASP B 288 -19.67 3.84 -26.71
C ASP B 288 -20.57 2.84 -26.01
N ALA B 289 -21.32 2.06 -26.80
CA ALA B 289 -22.20 1.04 -26.27
C ALA B 289 -21.41 0.01 -25.48
N ALA B 290 -20.28 -0.42 -26.04
CA ALA B 290 -19.41 -1.36 -25.35
C ALA B 290 -18.95 -0.81 -24.01
N GLN B 291 -18.55 0.46 -23.98
CA GLN B 291 -18.09 1.05 -22.72
C GLN B 291 -19.24 1.26 -21.72
N ARG B 292 -20.43 1.59 -22.20
CA ARG B 292 -21.58 1.68 -21.31
C ARG B 292 -21.86 0.31 -20.67
N ALA B 293 -21.80 -0.75 -21.47
CA ALA B 293 -22.00 -2.09 -20.95
C ALA B 293 -20.98 -2.40 -19.85
N LEU B 294 -19.73 -2.03 -20.09
CA LEU B 294 -18.67 -2.24 -19.10
C LEU B 294 -18.90 -1.36 -17.87
N ASP B 295 -19.31 -0.11 -18.09
CA ASP B 295 -19.64 0.80 -17.00
C ASP B 295 -20.70 0.21 -16.08
N PHE B 296 -21.77 -0.32 -16.68
CA PHE B 296 -22.93 -0.78 -15.93
C PHE B 296 -22.67 -2.11 -15.22
N MET B 297 -21.80 -2.93 -15.79
CA MET B 297 -21.51 -4.23 -15.18
C MET B 297 -20.35 -4.16 -14.20
N TYR B 298 -19.26 -3.55 -14.63
CA TYR B 298 -18.01 -3.50 -13.87
C TYR B 298 -17.88 -2.20 -13.07
N GLY B 299 -18.01 -1.07 -13.77
CA GLY B 299 -17.79 0.24 -13.17
C GLY B 299 -18.75 0.55 -12.04
N TRP B 300 -19.96 -0.02 -12.13
CA TRP B 300 -20.97 0.05 -11.08
C TRP B 300 -20.38 -0.21 -9.69
N PHE B 301 -19.39 -1.09 -9.65
CA PHE B 301 -18.73 -1.48 -8.42
C PHE B 301 -17.30 -0.95 -8.29
N ILE B 302 -16.51 -1.08 -9.35
CA ILE B 302 -15.10 -0.72 -9.23
C ILE B 302 -14.88 0.80 -9.20
N GLU B 303 -15.80 1.59 -9.77
CA GLU B 303 -15.65 3.04 -9.65
C GLU B 303 -16.00 3.52 -8.23
N PRO B 304 -17.08 2.99 -7.61
CA PRO B 304 -17.19 3.30 -6.17
C PRO B 304 -15.98 2.86 -5.35
N LEU B 305 -15.46 1.66 -5.63
CA LEU B 305 -14.35 1.13 -4.84
C LEU B 305 -13.06 1.92 -5.07
N SER B 306 -12.91 2.50 -6.26
CA SER B 306 -11.69 3.21 -6.62
C SER B 306 -11.80 4.72 -6.42
N PHE B 307 -12.98 5.27 -6.70
CA PHE B 307 -13.17 6.72 -6.72
C PHE B 307 -14.22 7.23 -5.72
N GLY B 308 -15.01 6.33 -5.14
CA GLY B 308 -16.05 6.72 -4.21
C GLY B 308 -17.26 7.30 -4.90
N GLU B 309 -17.45 6.93 -6.16
CA GLU B 309 -18.53 7.49 -6.98
C GLU B 309 -18.92 6.50 -8.08
N TYR B 310 -20.20 6.51 -8.47
CA TYR B 310 -20.67 5.67 -9.57
C TYR B 310 -20.21 6.22 -10.91
N PRO B 311 -20.14 5.36 -11.96
CA PRO B 311 -19.74 5.85 -13.30
C PRO B 311 -20.60 6.99 -13.81
N LYS B 312 -20.00 7.90 -14.57
CA LYS B 312 -20.73 9.04 -15.09
C LYS B 312 -21.89 8.63 -16.00
N SER B 313 -21.70 7.57 -16.78
CA SER B 313 -22.75 7.12 -17.69
C SER B 313 -23.96 6.60 -16.92
N MET B 314 -23.73 6.02 -15.76
CA MET B 314 -24.83 5.51 -14.94
C MET B 314 -25.58 6.67 -14.29
N ARG B 315 -24.85 7.65 -13.77
CA ARG B 315 -25.48 8.84 -13.22
C ARG B 315 -26.36 9.52 -14.28
N ARG B 316 -25.83 9.60 -15.50
CA ARG B 316 -26.51 10.25 -16.62
C ARG B 316 -27.77 9.49 -17.06
N LEU B 317 -27.66 8.18 -17.25
CA LEU B 317 -28.77 7.40 -17.80
C LEU B 317 -29.78 6.92 -16.76
N VAL B 318 -29.31 6.66 -15.54
CA VAL B 318 -30.20 6.13 -14.51
C VAL B 318 -30.80 7.26 -13.69
N GLY B 319 -30.07 8.36 -13.56
CA GLY B 319 -30.55 9.51 -12.84
C GLY B 319 -30.86 9.22 -11.37
N LYS B 320 -32.01 9.69 -10.90
CA LYS B 320 -32.32 9.60 -9.48
C LYS B 320 -32.69 8.19 -9.01
N ARG B 321 -32.76 7.24 -9.93
CA ARG B 321 -32.96 5.84 -9.55
C ARG B 321 -31.65 5.26 -9.05
N LEU B 322 -30.56 5.97 -9.31
CA LEU B 322 -29.24 5.58 -8.82
C LEU B 322 -28.94 6.34 -7.54
N PRO B 323 -28.77 5.62 -6.42
CA PRO B 323 -28.48 6.27 -5.14
C PRO B 323 -27.17 7.06 -5.20
N ARG B 324 -27.07 8.10 -4.37
CA ARG B 324 -25.82 8.85 -4.24
C ARG B 324 -25.11 8.44 -2.97
N PHE B 325 -23.78 8.43 -3.01
CA PHE B 325 -23.02 8.24 -1.78
C PHE B 325 -22.94 9.56 -1.04
N THR B 326 -23.29 9.55 0.24
CA THR B 326 -22.99 10.70 1.09
C THR B 326 -21.48 10.82 1.18
N LYS B 327 -20.99 11.97 1.64
CA LYS B 327 -19.55 12.17 1.78
C LYS B 327 -18.92 11.10 2.66
N GLU B 328 -19.58 10.75 3.75
CA GLU B 328 -19.07 9.74 4.66
C GLU B 328 -19.07 8.36 4.00
N GLN B 329 -20.14 8.05 3.29
CA GLN B 329 -20.26 6.78 2.58
C GLN B 329 -19.19 6.65 1.50
N ALA B 330 -18.98 7.71 0.74
CA ALA B 330 -17.95 7.71 -0.29
C ALA B 330 -16.57 7.41 0.32
N MET B 331 -16.30 8.01 1.47
CA MET B 331 -15.02 7.79 2.16
C MET B 331 -14.90 6.38 2.70
N LEU B 332 -16.01 5.79 3.13
CA LEU B 332 -16.01 4.41 3.59
C LEU B 332 -15.74 3.43 2.45
N VAL B 333 -16.34 3.69 1.30
CA VAL B 333 -16.29 2.75 0.19
C VAL B 333 -15.00 2.90 -0.64
N LYS B 334 -14.58 4.13 -0.88
CA LYS B 334 -13.36 4.37 -1.66
C LYS B 334 -12.14 3.77 -0.97
N GLY B 335 -11.38 2.97 -1.71
CA GLY B 335 -10.16 2.35 -1.20
C GLY B 335 -10.38 1.18 -0.25
N SER B 336 -11.60 0.65 -0.21
CA SER B 336 -11.93 -0.40 0.76
C SER B 336 -11.54 -1.80 0.28
N PHE B 337 -10.30 -1.96 -0.16
CA PHE B 337 -9.78 -3.28 -0.49
C PHE B 337 -8.25 -3.29 -0.52
N ASP B 338 -7.67 -4.38 -0.02
CA ASP B 338 -6.23 -4.65 -0.12
C ASP B 338 -5.90 -5.26 -1.47
N PHE B 339 -6.82 -6.06 -1.98
CA PHE B 339 -6.69 -6.67 -3.30
C PHE B 339 -8.05 -6.72 -3.96
N LEU B 340 -8.04 -6.83 -5.28
CA LEU B 340 -9.26 -7.01 -6.03
C LEU B 340 -9.30 -8.43 -6.60
N GLY B 341 -10.37 -9.15 -6.32
CA GLY B 341 -10.59 -10.43 -6.95
C GLY B 341 -11.38 -10.24 -8.22
N LEU B 342 -10.91 -10.84 -9.31
CA LEU B 342 -11.65 -10.80 -10.56
C LEU B 342 -12.01 -12.21 -11.00
N ASN B 343 -13.27 -12.37 -11.38
CA ASN B 343 -13.73 -13.58 -12.05
C ASN B 343 -13.82 -13.30 -13.54
N TYR B 344 -13.15 -14.11 -14.34
CA TYR B 344 -13.20 -13.93 -15.78
C TYR B 344 -13.65 -15.19 -16.50
N TYR B 345 -14.61 -15.04 -17.40
CA TYR B 345 -15.10 -16.17 -18.18
C TYR B 345 -15.10 -15.88 -19.67
N ILE B 346 -15.78 -14.81 -20.07
CA ILE B 346 -16.02 -14.58 -21.48
C ILE B 346 -15.90 -13.13 -21.91
N ALA B 347 -15.88 -12.93 -23.22
CA ALA B 347 -16.10 -11.64 -23.82
C ALA B 347 -17.37 -11.69 -24.67
N ASN B 348 -18.01 -10.53 -24.85
CA ASN B 348 -19.16 -10.41 -25.75
C ASN B 348 -18.97 -9.24 -26.69
N TYR B 349 -19.56 -9.33 -27.88
CA TYR B 349 -19.72 -8.15 -28.72
C TYR B 349 -20.83 -7.29 -28.14
N VAL B 350 -20.75 -5.98 -28.33
CA VAL B 350 -21.80 -5.09 -27.85
C VAL B 350 -22.31 -4.18 -28.95
N LEU B 351 -23.65 -4.15 -29.10
CA LEU B 351 -24.32 -3.28 -30.06
C LEU B 351 -25.00 -2.11 -29.37
N ASN B 352 -24.98 -0.96 -30.03
CA ASN B 352 -25.79 0.18 -29.60
C ASN B 352 -27.27 -0.16 -29.69
N VAL B 353 -28.04 0.28 -28.71
CA VAL B 353 -29.49 0.17 -28.73
C VAL B 353 -30.09 1.57 -28.65
N PRO B 354 -30.75 2.02 -29.73
CA PRO B 354 -31.32 3.37 -29.68
C PRO B 354 -32.44 3.50 -28.64
N THR B 355 -32.67 4.71 -28.16
CA THR B 355 -33.78 4.98 -27.27
C THR B 355 -35.10 4.70 -27.96
N SER B 356 -36.14 4.48 -27.16
CA SER B 356 -37.48 4.28 -27.70
C SER B 356 -38.49 5.20 -27.00
N ASN B 357 -39.74 5.10 -27.42
CA ASN B 357 -40.85 5.74 -26.72
C ASN B 357 -41.57 4.68 -25.90
N SER B 358 -40.98 3.49 -25.89
CA SER B 358 -41.63 2.32 -25.29
C SER B 358 -40.61 1.33 -24.76
N VAL B 359 -39.84 1.73 -23.77
CA VAL B 359 -38.89 0.82 -23.16
C VAL B 359 -39.47 0.20 -21.90
N ASN B 360 -39.13 -1.06 -21.65
CA ASN B 360 -39.40 -1.69 -20.36
C ASN B 360 -38.35 -1.24 -19.35
N LEU B 361 -38.76 -0.52 -18.32
CA LEU B 361 -37.81 0.06 -17.38
C LEU B 361 -37.05 -1.01 -16.57
N SER B 362 -35.74 -1.09 -16.79
CA SER B 362 -34.91 -2.05 -16.07
C SER B 362 -33.45 -1.67 -16.12
N TYR B 363 -32.69 -2.11 -15.11
CA TYR B 363 -31.24 -1.99 -15.15
C TYR B 363 -30.67 -2.49 -16.48
N THR B 364 -31.20 -3.62 -16.95
CA THR B 364 -30.73 -4.23 -18.20
C THR B 364 -30.86 -3.29 -19.40
N THR B 365 -31.99 -2.60 -19.52
CA THR B 365 -32.18 -1.73 -20.68
C THR B 365 -31.65 -0.30 -20.47
N ASP B 366 -31.35 0.06 -19.22
CA ASP B 366 -30.85 1.40 -18.91
C ASP B 366 -29.58 1.76 -19.67
N SER B 367 -28.74 0.76 -19.95
CA SER B 367 -27.41 1.02 -20.52
C SER B 367 -27.42 1.21 -22.03
N LEU B 368 -28.59 1.07 -22.66
CA LEU B 368 -28.74 1.26 -24.10
C LEU B 368 -27.73 0.45 -24.89
N SER B 369 -27.54 -0.80 -24.47
CA SER B 369 -26.55 -1.67 -25.07
C SER B 369 -27.07 -3.08 -25.11
N ASN B 370 -26.58 -3.83 -26.08
CA ASN B 370 -27.03 -5.20 -26.26
C ASN B 370 -25.85 -6.12 -26.51
N GLN B 371 -25.75 -7.16 -25.71
CA GLN B 371 -24.62 -8.08 -25.83
C GLN B 371 -24.97 -9.28 -26.68
N THR B 372 -23.97 -9.73 -27.45
CA THR B 372 -24.12 -10.89 -28.29
C THR B 372 -22.74 -11.52 -28.49
N ALA B 373 -22.70 -12.84 -28.54
CA ALA B 373 -21.44 -13.55 -28.71
C ALA B 373 -21.15 -13.77 -30.19
N PHE B 374 -22.02 -13.25 -31.05
CA PHE B 374 -21.94 -13.52 -32.49
C PHE B 374 -21.81 -12.25 -33.33
N ARG B 375 -20.94 -12.32 -34.32
CA ARG B 375 -20.78 -11.24 -35.29
C ARG B 375 -21.04 -11.83 -36.66
N ASN B 376 -22.11 -11.40 -37.31
CA ASN B 376 -22.53 -11.98 -38.58
C ASN B 376 -22.80 -13.47 -38.47
N GLY B 377 -23.35 -13.88 -37.33
CA GLY B 377 -23.70 -15.26 -37.08
C GLY B 377 -22.56 -16.11 -36.51
N VAL B 378 -21.34 -15.59 -36.53
CA VAL B 378 -20.18 -16.39 -36.13
C VAL B 378 -19.66 -16.00 -34.75
N ALA B 379 -19.38 -17.02 -33.93
CA ALA B 379 -19.03 -16.82 -32.53
C ALA B 379 -17.68 -16.13 -32.32
N ILE B 380 -17.57 -15.49 -31.16
CA ILE B 380 -16.40 -14.69 -30.79
C ILE B 380 -15.19 -15.56 -30.46
N GLY B 381 -15.40 -16.85 -30.27
CA GLY B 381 -14.32 -17.78 -29.99
C GLY B 381 -14.75 -19.23 -30.02
N ARG B 382 -13.86 -20.10 -29.54
CA ARG B 382 -14.14 -21.54 -29.50
C ARG B 382 -15.34 -21.86 -28.61
N PRO B 383 -16.25 -22.73 -29.08
CA PRO B 383 -17.40 -23.08 -28.24
C PRO B 383 -17.02 -23.89 -27.00
N THR B 384 -17.92 -23.87 -26.02
CA THR B 384 -17.81 -24.72 -24.84
C THR B 384 -19.12 -25.47 -24.68
N GLY B 385 -19.29 -26.17 -23.57
CA GLY B 385 -20.54 -26.85 -23.30
C GLY B 385 -21.62 -25.89 -22.84
N VAL B 386 -21.23 -24.66 -22.55
CA VAL B 386 -22.17 -23.62 -22.13
C VAL B 386 -22.50 -22.72 -23.32
N PRO B 387 -23.78 -22.68 -23.73
CA PRO B 387 -24.18 -21.98 -24.96
C PRO B 387 -23.71 -20.51 -25.06
N ALA B 388 -23.83 -19.74 -24.00
CA ALA B 388 -23.44 -18.33 -24.06
C ALA B 388 -21.93 -18.12 -24.00
N PHE B 389 -21.20 -19.17 -23.63
CA PHE B 389 -19.78 -19.02 -23.28
C PHE B 389 -18.83 -19.52 -24.36
N PHE B 390 -18.05 -18.60 -24.92
CA PHE B 390 -17.01 -18.97 -25.88
C PHE B 390 -15.64 -18.58 -25.36
N MET B 391 -14.60 -19.24 -25.84
CA MET B 391 -13.25 -18.97 -25.35
C MET B 391 -12.66 -17.70 -25.95
N TYR B 392 -12.33 -16.75 -25.10
CA TYR B 392 -11.65 -15.52 -25.53
C TYR B 392 -10.56 -15.14 -24.54
N PRO B 393 -9.46 -15.92 -24.51
CA PRO B 393 -8.39 -15.72 -23.52
C PRO B 393 -7.76 -14.33 -23.61
N LYS B 394 -7.80 -13.70 -24.78
CA LYS B 394 -7.26 -12.36 -24.95
C LYS B 394 -7.94 -11.37 -24.00
N GLY B 395 -9.22 -11.59 -23.73
CA GLY B 395 -9.98 -10.70 -22.87
C GLY B 395 -9.55 -10.68 -21.42
N LEU B 396 -8.89 -11.75 -20.97
CA LEU B 396 -8.36 -11.78 -19.62
C LEU B 396 -7.26 -10.72 -19.50
N LYS B 397 -6.34 -10.71 -20.45
CA LYS B 397 -5.30 -9.68 -20.45
C LYS B 397 -5.87 -8.28 -20.65
N ASP B 398 -6.79 -8.15 -21.62
CA ASP B 398 -7.44 -6.87 -21.89
C ASP B 398 -8.07 -6.28 -20.63
N LEU B 399 -8.82 -7.11 -19.90
CA LEU B 399 -9.49 -6.68 -18.68
C LEU B 399 -8.48 -6.26 -17.60
N LEU B 400 -7.41 -7.03 -17.47
CA LEU B 400 -6.41 -6.76 -16.44
C LEU B 400 -5.64 -5.48 -16.72
N VAL B 401 -5.28 -5.26 -17.99
CA VAL B 401 -4.56 -4.04 -18.36
C VAL B 401 -5.47 -2.82 -18.17
N TYR B 402 -6.71 -2.94 -18.59
CA TYR B 402 -7.72 -1.90 -18.35
C TYR B 402 -7.83 -1.55 -16.87
N THR B 403 -7.90 -2.59 -16.03
CA THR B 403 -8.02 -2.41 -14.59
C THR B 403 -6.78 -1.72 -14.02
N LYS B 404 -5.62 -2.18 -14.45
CA LYS B 404 -4.35 -1.59 -14.05
C LYS B 404 -4.31 -0.10 -14.39
N GLU B 405 -4.68 0.22 -15.62
CA GLU B 405 -4.56 1.59 -16.11
C GLU B 405 -5.60 2.55 -15.54
N LYS B 406 -6.83 2.07 -15.32
CA LYS B 406 -7.90 2.94 -14.84
C LYS B 406 -7.95 3.09 -13.32
N TYR B 407 -7.55 2.05 -12.59
CA TYR B 407 -7.81 2.02 -11.15
C TYR B 407 -6.55 1.90 -10.31
N ASN B 408 -5.51 2.64 -10.70
CA ASN B 408 -4.29 2.81 -9.92
C ASN B 408 -3.57 1.53 -9.56
N ASP B 409 -3.42 0.64 -10.54
CA ASP B 409 -2.49 -0.46 -10.43
C ASP B 409 -2.72 -1.30 -9.16
N PRO B 410 -3.92 -1.89 -9.02
CA PRO B 410 -4.19 -2.64 -7.78
C PRO B 410 -3.60 -4.04 -7.80
N VAL B 411 -3.43 -4.61 -6.62
CA VAL B 411 -3.10 -6.02 -6.48
C VAL B 411 -4.35 -6.83 -6.87
N ILE B 412 -4.16 -7.85 -7.70
CA ILE B 412 -5.28 -8.61 -8.24
C ILE B 412 -5.10 -10.11 -8.03
N TYR B 413 -6.17 -10.79 -7.64
CA TYR B 413 -6.25 -12.25 -7.74
C TYR B 413 -7.34 -12.61 -8.73
N ILE B 414 -7.03 -13.53 -9.63
CA ILE B 414 -8.06 -14.11 -10.47
C ILE B 414 -8.77 -15.17 -9.63
N THR B 415 -9.96 -14.83 -9.13
CA THR B 415 -10.60 -15.69 -8.14
C THR B 415 -11.49 -16.74 -8.78
N GLU B 416 -11.81 -16.57 -10.07
CA GLU B 416 -12.45 -17.61 -10.87
C GLU B 416 -12.07 -17.50 -12.34
N ASN B 417 -11.82 -18.66 -12.95
CA ASN B 417 -11.66 -18.77 -14.40
C ASN B 417 -11.87 -20.24 -14.77
N GLY B 418 -12.74 -20.49 -15.74
CA GLY B 418 -13.01 -21.87 -16.14
C GLY B 418 -14.06 -21.98 -17.24
N MET B 419 -14.38 -23.22 -17.57
CA MET B 419 -15.35 -23.51 -18.61
C MET B 419 -16.18 -24.73 -18.23
N GLY B 420 -17.37 -24.85 -18.83
CA GLY B 420 -18.25 -25.95 -18.52
C GLY B 420 -18.47 -26.90 -19.68
N ASP B 421 -18.59 -28.19 -19.35
CA ASP B 421 -19.02 -29.21 -20.30
C ASP B 421 -20.49 -29.47 -20.05
N ASN B 422 -21.25 -29.84 -21.09
CA ASN B 422 -22.61 -30.24 -20.84
C ASN B 422 -22.61 -31.63 -20.18
N ASN B 423 -23.63 -31.91 -19.38
CA ASN B 423 -23.70 -33.16 -18.66
C ASN B 423 -24.50 -34.20 -19.43
N ASN B 424 -23.92 -34.73 -20.51
CA ASN B 424 -24.59 -35.78 -21.28
C ASN B 424 -23.61 -36.71 -22.00
N VAL B 425 -22.50 -37.02 -21.33
CA VAL B 425 -21.60 -38.08 -21.75
C VAL B 425 -21.31 -38.96 -20.56
N THR B 426 -20.71 -40.13 -20.78
CA THR B 426 -20.42 -41.04 -19.68
C THR B 426 -19.31 -40.49 -18.79
N THR B 427 -19.17 -41.08 -17.60
CA THR B 427 -18.11 -40.72 -16.68
C THR B 427 -16.74 -40.84 -17.34
N GLU B 428 -16.53 -41.96 -18.03
CA GLU B 428 -15.25 -42.21 -18.68
C GLU B 428 -14.91 -41.13 -19.71
N GLU B 429 -15.92 -40.68 -20.46
CA GLU B 429 -15.69 -39.65 -21.46
C GLU B 429 -15.59 -38.25 -20.85
N GLY B 430 -16.32 -38.02 -19.76
CA GLY B 430 -16.30 -36.72 -19.10
C GLY B 430 -14.95 -36.38 -18.48
N ILE B 431 -14.25 -37.42 -18.02
CA ILE B 431 -12.94 -37.29 -17.40
C ILE B 431 -11.89 -36.81 -18.39
N LYS B 432 -12.08 -37.21 -19.65
CA LYS B 432 -11.20 -36.77 -20.73
C LYS B 432 -11.62 -35.39 -21.20
N ASP B 433 -10.93 -34.35 -20.72
CA ASP B 433 -11.29 -32.98 -21.09
C ASP B 433 -10.13 -32.18 -21.69
N PRO B 434 -9.64 -32.60 -22.87
CA PRO B 434 -8.57 -31.85 -23.52
C PRO B 434 -8.99 -30.42 -23.85
N GLN B 435 -10.30 -30.21 -23.98
CA GLN B 435 -10.84 -28.88 -24.25
C GLN B 435 -10.55 -27.93 -23.07
N ARG B 436 -10.56 -28.49 -21.86
CA ARG B 436 -10.31 -27.70 -20.66
C ARG B 436 -8.81 -27.53 -20.41
N VAL B 437 -8.03 -28.53 -20.82
CA VAL B 437 -6.57 -28.38 -20.82
C VAL B 437 -6.19 -27.22 -21.74
N TYR B 438 -6.80 -27.20 -22.92
CA TYR B 438 -6.58 -26.12 -23.87
C TYR B 438 -7.00 -24.77 -23.28
N PHE B 439 -8.19 -24.74 -22.71
CA PHE B 439 -8.72 -23.53 -22.08
C PHE B 439 -7.74 -22.96 -21.07
N TYR B 440 -7.24 -23.81 -20.16
CA TYR B 440 -6.37 -23.32 -19.10
C TYR B 440 -4.98 -22.96 -19.64
N ASN B 441 -4.48 -23.75 -20.58
CA ASN B 441 -3.23 -23.40 -21.24
C ASN B 441 -3.29 -22.02 -21.87
N GLN B 442 -4.36 -21.75 -22.63
CA GLN B 442 -4.47 -20.46 -23.31
C GLN B 442 -4.71 -19.31 -22.33
N HIS B 443 -5.50 -19.53 -21.29
CA HIS B 443 -5.80 -18.44 -20.37
C HIS B 443 -4.61 -18.15 -19.45
N LEU B 444 -3.84 -19.17 -19.06
CA LEU B 444 -2.65 -18.94 -18.26
C LEU B 444 -1.55 -18.27 -19.09
N LEU B 445 -1.49 -18.56 -20.39
CA LEU B 445 -0.58 -17.84 -21.28
C LEU B 445 -0.96 -16.37 -21.35
N SER B 446 -2.26 -16.09 -21.45
CA SER B 446 -2.75 -14.72 -21.48
C SER B 446 -2.47 -14.02 -20.16
N LEU B 447 -2.61 -14.75 -19.05
CA LEU B 447 -2.34 -14.20 -17.74
C LEU B 447 -0.86 -13.84 -17.60
N LYS B 448 0.00 -14.71 -18.13
CA LYS B 448 1.45 -14.46 -18.13
C LYS B 448 1.78 -13.16 -18.86
N ASN B 449 1.15 -12.94 -20.01
CA ASN B 449 1.33 -11.70 -20.77
C ASN B 449 0.86 -10.48 -19.98
N ALA B 450 -0.22 -10.64 -19.22
CA ALA B 450 -0.74 -9.56 -18.40
C ALA B 450 0.28 -9.17 -17.34
N ILE B 451 0.88 -10.17 -16.70
CA ILE B 451 1.88 -9.92 -15.66
C ILE B 451 3.10 -9.24 -16.27
N ALA B 452 3.51 -9.69 -17.46
CA ALA B 452 4.62 -9.06 -18.17
C ALA B 452 4.29 -7.61 -18.53
N ALA B 453 3.01 -7.33 -18.69
CA ALA B 453 2.56 -5.97 -18.99
C ALA B 453 2.46 -5.12 -17.72
N GLY B 454 2.81 -5.69 -16.58
CA GLY B 454 2.91 -4.94 -15.34
C GLY B 454 1.72 -5.03 -14.40
N VAL B 455 0.73 -5.86 -14.75
CA VAL B 455 -0.43 -6.05 -13.87
C VAL B 455 -0.01 -6.90 -12.67
N LYS B 456 -0.36 -6.43 -11.48
CA LYS B 456 0.10 -7.09 -10.26
C LYS B 456 -0.80 -8.24 -9.82
N VAL B 457 -0.82 -9.28 -10.64
CA VAL B 457 -1.57 -10.50 -10.34
C VAL B 457 -0.79 -11.39 -9.37
N LYS B 458 -1.42 -11.78 -8.27
CA LYS B 458 -0.71 -12.53 -7.25
C LYS B 458 -1.23 -13.96 -7.07
N GLY B 459 -2.29 -14.30 -7.79
CA GLY B 459 -2.85 -15.63 -7.70
C GLY B 459 -3.93 -15.91 -8.73
N TYR B 460 -4.28 -17.19 -8.85
CA TYR B 460 -5.20 -17.66 -9.88
C TYR B 460 -5.94 -18.90 -9.40
N PHE B 461 -7.26 -18.87 -9.48
CA PHE B 461 -8.09 -19.98 -9.01
C PHE B 461 -8.99 -20.51 -10.11
N THR B 462 -8.93 -21.81 -10.34
CA THR B 462 -9.80 -22.45 -11.31
C THR B 462 -11.22 -22.62 -10.79
N TRP B 463 -12.21 -22.12 -11.51
CA TRP B 463 -13.56 -22.58 -11.29
C TRP B 463 -13.84 -23.73 -12.25
N ALA B 464 -14.12 -24.92 -11.74
CA ALA B 464 -14.27 -25.18 -10.30
C ALA B 464 -13.42 -26.36 -9.85
N PHE B 465 -13.33 -26.57 -8.55
CA PHE B 465 -12.66 -27.74 -7.99
C PHE B 465 -13.43 -29.01 -8.38
N LEU B 466 -14.72 -29.04 -8.10
CA LEU B 466 -15.57 -30.18 -8.46
C LEU B 466 -16.68 -29.73 -9.40
N ASP B 467 -17.19 -30.64 -10.22
CA ASP B 467 -18.49 -30.42 -10.85
C ASP B 467 -19.47 -30.22 -9.70
N ASN B 468 -20.32 -29.20 -9.80
CA ASN B 468 -21.15 -28.81 -8.67
C ASN B 468 -22.53 -28.32 -9.11
N PHE B 469 -23.29 -27.78 -8.16
CA PHE B 469 -24.59 -27.20 -8.47
C PHE B 469 -24.41 -25.80 -9.06
N GLU B 470 -24.56 -25.70 -10.37
CA GLU B 470 -24.31 -24.46 -11.08
C GLU B 470 -25.55 -23.57 -11.14
N TRP B 471 -26.07 -23.22 -9.96
CA TRP B 471 -27.18 -22.27 -9.82
C TRP B 471 -28.35 -22.61 -10.74
N LEU B 472 -28.77 -21.68 -11.61
CA LEU B 472 -29.96 -21.92 -12.42
C LEU B 472 -29.78 -23.05 -13.44
N SER B 473 -28.54 -23.48 -13.66
CA SER B 473 -28.29 -24.57 -14.61
C SER B 473 -28.23 -25.93 -13.92
N GLY B 474 -28.44 -25.94 -12.61
CA GLY B 474 -28.42 -27.17 -11.84
C GLY B 474 -27.16 -27.98 -12.08
N TYR B 475 -27.34 -29.25 -12.42
CA TYR B 475 -26.20 -30.14 -12.63
C TYR B 475 -25.96 -30.42 -14.11
N THR B 476 -26.51 -29.57 -14.98
CA THR B 476 -26.37 -29.76 -16.42
C THR B 476 -25.04 -29.26 -16.97
N GLN B 477 -24.28 -28.56 -16.13
CA GLN B 477 -23.01 -28.00 -16.58
C GLN B 477 -21.89 -28.33 -15.63
N ARG B 478 -20.83 -28.91 -16.17
CA ARG B 478 -19.69 -29.37 -15.41
C ARG B 478 -18.48 -28.47 -15.57
N PHE B 479 -18.18 -27.69 -14.54
CA PHE B 479 -17.05 -26.75 -14.57
C PHE B 479 -15.79 -27.30 -13.88
N GLY B 480 -15.89 -28.48 -13.27
CA GLY B 480 -14.82 -28.97 -12.42
C GLY B 480 -13.56 -29.41 -13.14
N ILE B 481 -12.43 -29.38 -12.45
CA ILE B 481 -11.23 -30.10 -12.91
C ILE B 481 -11.27 -31.50 -12.32
N VAL B 482 -12.24 -31.72 -11.44
CA VAL B 482 -12.49 -33.04 -10.89
C VAL B 482 -13.93 -33.43 -11.19
N TYR B 483 -14.10 -34.57 -11.85
CA TYR B 483 -15.41 -35.08 -12.20
C TYR B 483 -16.12 -35.64 -10.97
N VAL B 484 -17.41 -35.34 -10.84
CA VAL B 484 -18.23 -35.94 -9.80
C VAL B 484 -19.36 -36.74 -10.43
N ASP B 485 -19.41 -38.03 -10.13
CA ASP B 485 -20.44 -38.90 -10.67
C ASP B 485 -21.70 -38.86 -9.81
N PHE B 486 -22.58 -37.91 -10.11
CA PHE B 486 -23.79 -37.71 -9.33
C PHE B 486 -24.73 -38.93 -9.36
N LYS B 487 -24.59 -39.76 -10.38
CA LYS B 487 -25.43 -40.94 -10.54
C LYS B 487 -24.85 -42.14 -9.81
N ASP B 488 -23.59 -42.04 -9.40
CA ASP B 488 -22.91 -43.16 -8.74
C ASP B 488 -22.28 -42.71 -7.43
N GLY B 489 -23.12 -42.30 -6.48
CA GLY B 489 -22.66 -41.95 -5.15
C GLY B 489 -21.67 -40.80 -5.07
N LEU B 490 -21.79 -39.83 -5.97
CA LEU B 490 -20.99 -38.61 -5.96
C LEU B 490 -19.48 -38.87 -5.98
N LYS B 491 -19.07 -39.93 -6.67
CA LYS B 491 -17.65 -40.31 -6.70
C LYS B 491 -16.80 -39.30 -7.47
N ARG B 492 -15.63 -39.01 -6.91
CA ARG B 492 -14.69 -38.06 -7.51
C ARG B 492 -13.71 -38.77 -8.44
N TYR B 493 -13.46 -38.16 -9.61
CA TYR B 493 -12.40 -38.59 -10.50
C TYR B 493 -11.67 -37.38 -11.06
N PRO B 494 -10.36 -37.25 -10.77
CA PRO B 494 -9.60 -36.17 -11.41
C PRO B 494 -9.67 -36.27 -12.93
N LYS B 495 -9.99 -35.15 -13.59
CA LYS B 495 -10.03 -35.08 -15.04
C LYS B 495 -8.63 -34.86 -15.59
N HIS B 496 -8.46 -34.90 -16.91
CA HIS B 496 -7.16 -34.65 -17.51
C HIS B 496 -6.65 -33.24 -17.18
N SER B 497 -7.58 -32.29 -17.03
CA SER B 497 -7.21 -30.93 -16.67
C SER B 497 -6.56 -30.89 -15.29
N ALA B 498 -7.10 -31.70 -14.37
CA ALA B 498 -6.52 -31.79 -13.02
C ALA B 498 -5.10 -32.34 -13.09
N LEU B 499 -4.91 -33.37 -13.90
CA LEU B 499 -3.58 -33.96 -14.05
C LEU B 499 -2.62 -33.02 -14.80
N TRP B 500 -3.14 -32.27 -15.75
CA TRP B 500 -2.33 -31.25 -16.43
C TRP B 500 -1.90 -30.17 -15.45
N PHE B 501 -2.84 -29.74 -14.60
CA PHE B 501 -2.57 -28.73 -13.60
C PHE B 501 -1.48 -29.23 -12.63
N LYS B 502 -1.61 -30.48 -12.21
CA LYS B 502 -0.63 -31.13 -11.33
C LYS B 502 0.78 -31.05 -11.93
N LYS B 503 0.89 -31.39 -13.21
CA LYS B 503 2.17 -31.35 -13.92
C LYS B 503 2.69 -29.92 -14.04
N PHE B 504 1.78 -28.99 -14.36
CA PHE B 504 2.09 -27.56 -14.45
C PHE B 504 2.66 -27.05 -13.14
N LEU B 505 2.13 -27.57 -12.04
CA LEU B 505 2.50 -27.09 -10.71
C LEU B 505 3.78 -27.75 -10.20
N LEU B 506 4.42 -28.57 -11.03
CA LEU B 506 5.68 -29.25 -10.71
C LEU B 506 5.48 -30.20 -9.55
N LYS B 507 4.27 -30.74 -9.50
CA LYS B 507 3.85 -31.63 -8.44
C LYS B 507 3.60 -33.01 -9.01
#